data_4K9I
#
_entry.id   4K9I
#
_cell.length_a   81.400
_cell.length_b   90.895
_cell.length_c   91.881
_cell.angle_alpha   90.00
_cell.angle_beta   90.00
_cell.angle_gamma   90.00
#
_symmetry.space_group_name_H-M   'P 21 21 21'
#
loop_
_entity.id
_entity.type
_entity.pdbx_description
1 polymer 'sugar kinase'
2 non-polymer ADENOSINE
3 non-polymer 'DIMETHYL SULFOXIDE'
4 non-polymer Norharmane
5 non-polymer 'POTASSIUM ION'
6 water water
#
_entity_poly.entity_id   1
_entity_poly.type   'polypeptide(L)'
_entity_poly.pdbx_seq_one_letter_code
;(MSE)HHHHHHSSGVDLGTENLYFQS(MSE)TRFDVLTVGNAIVDIISRCNDQFLIDNQITKAA(MSE)NLIDAERAELL
YSR(MSE)GPALEASGGSAGNTAAGVANLGGKAAYFGNVAADQLGDIFTHDIRAQGVHYQTKPKGAFPPTARS(MSE)IF
VTEDGERS(MSE)NTYLGACVELGPEDVEADVVADAKVTYFEGYLWDPPRAKEAILDCARIAHQHGRE(MSE)S(MSE)T
LSDSFCVDRYRGEFLDL(MSE)RSGKVDIVFANRQEALSLYQTDDFEEALNRIAADCKIAAVT(MSE)SENGAVILKGRE
RYYVNAIRIREVVDTTGAGDLFASGFLYGYTQGRSLEDCGKLGCLAAGIVIQQIGPRP(MSE)TSLSEAAKQAGLI
;
_entity_poly.pdbx_strand_id   A,B
#
loop_
_chem_comp.id
_chem_comp.type
_chem_comp.name
_chem_comp.formula
ADN non-polymer ADENOSINE 'C10 H13 N5 O4'
DMS non-polymer 'DIMETHYL SULFOXIDE' 'C2 H6 O S'
K non-polymer 'POTASSIUM ION' 'K 1'
NRH non-polymer Norharmane 'C11 H8 N2'
#
# COMPACT_ATOMS: atom_id res chain seq x y z
N MSE A 23 -2.81 -10.28 -37.26
CA MSE A 23 -2.93 -9.61 -35.92
C MSE A 23 -3.47 -10.59 -34.92
O MSE A 23 -4.53 -11.18 -35.11
CB MSE A 23 -3.80 -8.34 -35.98
CG MSE A 23 -5.03 -8.48 -36.89
SE MSE A 23 -6.27 -6.98 -36.59
CE MSE A 23 -7.95 -7.99 -36.82
N THR A 24 -2.71 -10.76 -33.83
CA THR A 24 -3.07 -11.69 -32.73
C THR A 24 -3.90 -10.98 -31.67
N ARG A 25 -4.14 -11.64 -30.52
CA ARG A 25 -4.86 -10.98 -29.43
C ARG A 25 -3.96 -10.41 -28.35
N PHE A 26 -2.82 -11.06 -28.10
CA PHE A 26 -1.93 -10.65 -27.00
C PHE A 26 -0.46 -10.57 -27.45
N ASP A 27 0.27 -9.58 -26.92
CA ASP A 27 1.71 -9.56 -27.11
C ASP A 27 2.36 -10.54 -26.14
N VAL A 28 1.96 -10.44 -24.88
CA VAL A 28 2.58 -11.25 -23.85
C VAL A 28 1.52 -11.86 -22.92
N LEU A 29 1.60 -13.16 -22.76
CA LEU A 29 0.91 -13.87 -21.70
C LEU A 29 1.94 -14.23 -20.62
N THR A 30 1.67 -13.85 -19.39
CA THR A 30 2.53 -14.32 -18.32
C THR A 30 1.78 -15.29 -17.41
N VAL A 31 2.54 -16.16 -16.77
CA VAL A 31 2.01 -17.17 -15.84
C VAL A 31 2.85 -17.20 -14.57
N GLY A 32 2.19 -17.09 -13.42
CA GLY A 32 2.91 -17.10 -12.15
C GLY A 32 2.04 -17.31 -10.92
N ASN A 33 2.70 -17.28 -9.78
CA ASN A 33 2.08 -17.25 -8.46
C ASN A 33 1.39 -15.93 -8.18
N ALA A 34 0.06 -15.96 -8.07
CA ALA A 34 -0.70 -14.74 -7.80
C ALA A 34 -0.60 -14.37 -6.33
N ILE A 35 0.07 -13.23 -6.08
CA ILE A 35 0.48 -12.83 -4.74
C ILE A 35 0.09 -11.38 -4.44
N VAL A 36 -0.40 -11.13 -3.22
CA VAL A 36 -0.45 -9.76 -2.66
C VAL A 36 0.74 -9.50 -1.72
N ASP A 37 1.47 -8.40 -1.97
CA ASP A 37 2.59 -8.05 -1.13
C ASP A 37 2.17 -7.25 0.09
N ILE A 38 2.87 -7.50 1.19
CA ILE A 38 2.71 -6.81 2.45
C ILE A 38 4.11 -6.27 2.74
N ILE A 39 4.23 -4.96 2.61
CA ILE A 39 5.54 -4.30 2.53
C ILE A 39 5.84 -3.43 3.75
N SER A 40 7.01 -3.63 4.33
CA SER A 40 7.50 -2.81 5.45
C SER A 40 8.99 -2.58 5.35
N ARG A 41 9.44 -1.47 5.93
CA ARG A 41 10.86 -1.18 6.11
C ARG A 41 11.37 -1.90 7.37
N CYS A 42 12.61 -2.39 7.33
CA CYS A 42 13.26 -2.94 8.52
C CYS A 42 14.75 -2.62 8.52
N ASN A 43 15.42 -2.85 9.65
CA ASN A 43 16.89 -2.78 9.69
C ASN A 43 17.54 -4.11 9.33
N ASP A 44 18.85 -4.11 9.05
CA ASP A 44 19.57 -5.35 8.73
CA ASP A 44 19.58 -5.34 8.75
C ASP A 44 19.49 -6.37 9.88
N GLN A 45 19.42 -5.86 11.13
CA GLN A 45 19.39 -6.76 12.29
C GLN A 45 18.11 -7.59 12.35
N PHE A 46 17.01 -7.03 11.86
CA PHE A 46 15.74 -7.73 11.80
C PHE A 46 15.84 -9.02 10.97
N LEU A 47 16.51 -8.93 9.82
CA LEU A 47 16.71 -10.11 8.96
C LEU A 47 17.51 -11.19 9.68
N ILE A 48 18.58 -10.78 10.36
CA ILE A 48 19.42 -11.70 11.11
C ILE A 48 18.65 -12.36 12.25
N ASP A 49 17.96 -11.55 13.07
CA ASP A 49 17.23 -12.09 14.23
C ASP A 49 16.14 -13.09 13.79
N ASN A 50 15.59 -12.87 12.60
CA ASN A 50 14.48 -13.69 12.11
C ASN A 50 14.90 -14.77 11.10
N GLN A 51 16.21 -14.90 10.91
CA GLN A 51 16.78 -15.91 9.98
C GLN A 51 16.15 -15.83 8.57
N ILE A 52 15.95 -14.59 8.11
CA ILE A 52 15.43 -14.28 6.78
C ILE A 52 16.63 -14.10 5.87
N THR A 53 16.69 -14.85 4.77
CA THR A 53 17.82 -14.74 3.85
C THR A 53 17.65 -13.46 3.05
N LYS A 54 18.63 -12.56 3.16
CA LYS A 54 18.52 -11.25 2.55
C LYS A 54 18.49 -11.38 1.04
N ALA A 55 17.65 -10.54 0.41
CA ALA A 55 17.50 -10.47 -1.04
C ALA A 55 16.90 -11.69 -1.72
N ALA A 56 16.39 -12.64 -0.92
CA ALA A 56 15.88 -13.89 -1.48
C ALA A 56 14.38 -14.00 -1.30
N MSE A 57 13.79 -14.96 -2.02
CA MSE A 57 12.41 -15.37 -1.82
C MSE A 57 12.50 -16.54 -0.86
O MSE A 57 13.14 -17.56 -1.17
CB MSE A 57 11.85 -15.81 -3.17
CG MSE A 57 10.34 -15.80 -3.17
SE MSE A 57 9.65 -17.40 -2.28
CE MSE A 57 10.27 -18.77 -3.55
N ASN A 58 11.88 -16.39 0.32
CA ASN A 58 11.94 -17.34 1.40
C ASN A 58 10.52 -17.93 1.50
N LEU A 59 10.35 -19.22 1.19
CA LEU A 59 9.04 -19.87 1.34
C LEU A 59 8.73 -20.12 2.80
N ILE A 60 7.49 -19.86 3.20
CA ILE A 60 7.14 -19.99 4.60
C ILE A 60 5.79 -20.67 4.69
N ASP A 61 5.60 -21.39 5.78
CA ASP A 61 4.28 -21.98 6.02
C ASP A 61 3.32 -21.03 6.75
N ALA A 62 2.08 -21.46 6.98
CA ALA A 62 1.09 -20.60 7.61
C ALA A 62 1.49 -20.15 9.01
N GLU A 63 2.13 -21.04 9.77
CA GLU A 63 2.54 -20.75 11.14
C GLU A 63 3.61 -19.66 11.16
N ARG A 64 4.62 -19.83 10.31
CA ARG A 64 5.70 -18.84 10.18
C ARG A 64 5.20 -17.51 9.63
N ALA A 65 4.24 -17.56 8.71
CA ALA A 65 3.58 -16.33 8.24
C ALA A 65 2.95 -15.53 9.36
N GLU A 66 2.21 -16.18 10.25
CA GLU A 66 1.63 -15.49 11.40
C GLU A 66 2.75 -14.93 12.30
N LEU A 67 3.79 -15.72 12.50
CA LEU A 67 4.92 -15.33 13.34
C LEU A 67 5.62 -14.07 12.82
N LEU A 68 6.07 -14.11 11.56
CA LEU A 68 6.72 -12.93 10.95
C LEU A 68 5.80 -11.72 10.94
N TYR A 69 4.52 -11.92 10.65
CA TYR A 69 3.59 -10.80 10.62
C TYR A 69 3.51 -10.13 11.99
N SER A 70 3.54 -10.94 13.04
CA SER A 70 3.42 -10.43 14.40
C SER A 70 4.62 -9.58 14.78
N ARG A 71 5.74 -9.78 14.09
CA ARG A 71 6.98 -9.04 14.35
C ARG A 71 7.18 -7.88 13.39
N MSE A 72 6.41 -7.87 12.31
CA MSE A 72 6.49 -6.82 11.29
C MSE A 72 5.89 -5.52 11.75
O MSE A 72 4.90 -5.48 12.47
CB MSE A 72 5.73 -7.31 10.07
CG MSE A 72 5.91 -6.38 8.89
SE MSE A 72 4.96 -7.22 7.40
CE MSE A 72 6.30 -6.93 5.99
N GLY A 73 6.49 -4.41 11.34
CA GLY A 73 5.89 -3.12 11.66
C GLY A 73 4.70 -2.81 10.78
N PRO A 74 4.11 -1.60 10.92
CA PRO A 74 3.04 -1.11 10.06
C PRO A 74 3.42 -1.32 8.60
N ALA A 75 2.47 -1.80 7.81
CA ALA A 75 2.72 -2.21 6.43
C ALA A 75 1.79 -1.57 5.39
N LEU A 76 2.18 -1.72 4.13
CA LEU A 76 1.40 -1.26 2.99
C LEU A 76 1.13 -2.52 2.15
N GLU A 77 -0.07 -2.64 1.61
CA GLU A 77 -0.34 -3.76 0.72
C GLU A 77 -0.44 -3.33 -0.72
N ALA A 78 0.10 -4.16 -1.60
CA ALA A 78 0.01 -3.92 -3.01
C ALA A 78 0.08 -5.22 -3.77
N SER A 79 -0.71 -5.34 -4.83
CA SER A 79 -0.62 -6.50 -5.71
C SER A 79 0.79 -6.78 -6.21
N GLY A 80 1.17 -8.06 -6.15
CA GLY A 80 2.50 -8.54 -6.50
C GLY A 80 2.44 -9.74 -7.43
N GLY A 81 3.30 -10.71 -7.17
CA GLY A 81 3.55 -11.85 -8.05
C GLY A 81 4.46 -11.42 -9.18
N SER A 82 5.61 -12.06 -9.31
CA SER A 82 6.60 -11.68 -10.33
CA SER A 82 6.61 -11.71 -10.36
C SER A 82 5.99 -11.55 -11.75
N ALA A 83 5.33 -12.61 -12.24
CA ALA A 83 4.71 -12.57 -13.56
C ALA A 83 3.55 -11.58 -13.64
N GLY A 84 2.80 -11.43 -12.53
CA GLY A 84 1.73 -10.42 -12.45
C GLY A 84 2.30 -9.03 -12.72
N ASN A 85 3.37 -8.71 -12.00
CA ASN A 85 4.07 -7.42 -12.18
C ASN A 85 4.50 -7.25 -13.64
N THR A 86 5.05 -8.30 -14.23
CA THR A 86 5.50 -8.25 -15.62
C THR A 86 4.35 -7.98 -16.59
N ALA A 87 3.24 -8.71 -16.46
CA ALA A 87 2.04 -8.44 -17.25
C ALA A 87 1.53 -7.01 -17.13
N ALA A 88 1.45 -6.50 -15.89
CA ALA A 88 1.00 -5.13 -15.61
C ALA A 88 1.92 -4.15 -16.32
N GLY A 89 3.22 -4.45 -16.30
CA GLY A 89 4.25 -3.58 -16.91
C GLY A 89 4.12 -3.51 -18.43
N VAL A 90 3.84 -4.67 -19.04
CA VAL A 90 3.53 -4.74 -20.49
C VAL A 90 2.31 -3.87 -20.90
N ALA A 91 1.22 -3.97 -20.15
CA ALA A 91 0.01 -3.19 -20.39
C ALA A 91 0.30 -1.68 -20.21
N ASN A 92 1.04 -1.36 -19.16
CA ASN A 92 1.39 0.01 -18.85
C ASN A 92 2.10 0.64 -20.06
N LEU A 93 3.08 -0.08 -20.61
CA LEU A 93 3.83 0.37 -21.79
C LEU A 93 2.95 0.49 -23.05
N GLY A 94 1.78 -0.16 -23.05
CA GLY A 94 0.85 -0.08 -24.17
C GLY A 94 0.66 -1.37 -24.95
N GLY A 95 1.31 -2.43 -24.50
CA GLY A 95 1.24 -3.74 -25.12
C GLY A 95 -0.03 -4.43 -24.63
N LYS A 96 -0.32 -5.56 -25.22
CA LYS A 96 -1.54 -6.29 -24.88
C LYS A 96 -1.13 -7.51 -24.06
N ALA A 97 -1.58 -7.54 -22.80
CA ALA A 97 -1.16 -8.59 -21.87
C ALA A 97 -2.30 -9.46 -21.34
N ALA A 98 -1.94 -10.69 -21.00
CA ALA A 98 -2.83 -11.61 -20.31
C ALA A 98 -2.08 -12.28 -19.18
N TYR A 99 -2.81 -12.87 -18.23
CA TYR A 99 -2.15 -13.45 -17.07
C TYR A 99 -2.90 -14.66 -16.61
N PHE A 100 -2.17 -15.74 -16.30
CA PHE A 100 -2.74 -16.89 -15.56
C PHE A 100 -2.13 -16.95 -14.16
N GLY A 101 -2.98 -17.11 -13.15
CA GLY A 101 -2.54 -17.23 -11.74
C GLY A 101 -3.77 -17.43 -10.86
N ASN A 102 -3.60 -18.24 -9.82
CA ASN A 102 -4.74 -18.63 -8.98
C ASN A 102 -4.79 -17.92 -7.63
N VAL A 103 -5.86 -17.17 -7.43
CA VAL A 103 -6.15 -16.59 -6.11
C VAL A 103 -7.33 -17.35 -5.46
N ALA A 104 -7.61 -16.99 -4.21
CA ALA A 104 -8.78 -17.52 -3.50
C ALA A 104 -9.92 -16.52 -3.63
N ALA A 105 -11.13 -16.97 -3.32
CA ALA A 105 -12.28 -16.11 -3.27
C ALA A 105 -12.33 -15.40 -1.91
N ASP A 106 -11.39 -14.48 -1.70
CA ASP A 106 -11.35 -13.71 -0.47
C ASP A 106 -10.95 -12.27 -0.83
N GLN A 107 -10.82 -11.42 0.18
CA GLN A 107 -10.58 -9.99 -0.03
C GLN A 107 -9.23 -9.75 -0.68
N LEU A 108 -8.21 -10.48 -0.27
CA LEU A 108 -6.90 -10.41 -0.96
C LEU A 108 -7.01 -10.81 -2.43
N GLY A 109 -7.79 -11.85 -2.71
CA GLY A 109 -8.00 -12.25 -4.10
C GLY A 109 -8.72 -11.19 -4.91
N ASP A 110 -9.64 -10.48 -4.26
CA ASP A 110 -10.44 -9.48 -4.94
C ASP A 110 -9.55 -8.28 -5.25
N ILE A 111 -8.62 -7.98 -4.35
CA ILE A 111 -7.63 -6.90 -4.57
C ILE A 111 -6.75 -7.26 -5.76
N PHE A 112 -6.23 -8.49 -5.76
CA PHE A 112 -5.34 -8.93 -6.83
C PHE A 112 -6.07 -8.85 -8.17
N THR A 113 -7.27 -9.40 -8.20
CA THR A 113 -8.09 -9.39 -9.41
C THR A 113 -8.34 -7.99 -9.93
N HIS A 114 -8.70 -7.07 -9.02
CA HIS A 114 -9.01 -5.71 -9.39
C HIS A 114 -7.75 -5.06 -9.98
N ASP A 115 -6.63 -5.20 -9.28
CA ASP A 115 -5.41 -4.43 -9.67
C ASP A 115 -4.89 -4.79 -11.05
N ILE A 116 -4.82 -6.09 -11.33
CA ILE A 116 -4.29 -6.53 -12.61
C ILE A 116 -5.26 -6.21 -13.77
N ARG A 117 -6.56 -6.47 -13.57
CA ARG A 117 -7.58 -6.10 -14.57
C ARG A 117 -7.66 -4.57 -14.82
N ALA A 118 -7.49 -3.78 -13.77
CA ALA A 118 -7.54 -2.31 -13.83
C ALA A 118 -6.39 -1.76 -14.64
N GLN A 119 -5.27 -2.48 -14.65
CA GLN A 119 -4.15 -2.14 -15.54
C GLN A 119 -4.43 -2.51 -17.01
N GLY A 120 -5.50 -3.26 -17.25
CA GLY A 120 -5.92 -3.65 -18.60
C GLY A 120 -5.29 -4.96 -19.04
N VAL A 121 -4.95 -5.82 -18.07
CA VAL A 121 -4.45 -7.18 -18.34
C VAL A 121 -5.68 -8.09 -18.35
N HIS A 122 -5.76 -8.98 -19.34
CA HIS A 122 -6.79 -10.03 -19.41
C HIS A 122 -6.47 -10.97 -18.26
N TYR A 123 -7.42 -11.14 -17.34
CA TYR A 123 -7.22 -12.02 -16.20
C TYR A 123 -8.52 -12.69 -15.86
N GLN A 124 -8.57 -13.98 -16.17
CA GLN A 124 -9.81 -14.76 -16.10
CA GLN A 124 -9.81 -14.75 -16.09
C GLN A 124 -9.73 -16.06 -15.28
N THR A 125 -8.60 -16.30 -14.64
CA THR A 125 -8.40 -17.48 -13.80
C THR A 125 -9.41 -17.50 -12.66
N LYS A 126 -10.21 -18.56 -12.59
CA LYS A 126 -11.27 -18.62 -11.61
C LYS A 126 -10.77 -19.15 -10.26
N PRO A 127 -11.12 -18.47 -9.16
CA PRO A 127 -10.74 -19.06 -7.87
C PRO A 127 -11.51 -20.35 -7.63
N LYS A 128 -10.96 -21.20 -6.77
CA LYS A 128 -11.59 -22.47 -6.38
C LYS A 128 -11.88 -22.40 -4.88
N GLY A 129 -12.73 -21.46 -4.49
CA GLY A 129 -13.14 -21.36 -3.09
C GLY A 129 -12.24 -20.47 -2.28
N ALA A 130 -12.51 -20.36 -0.99
CA ALA A 130 -11.81 -19.40 -0.14
C ALA A 130 -10.58 -19.96 0.57
N PHE A 131 -10.41 -21.28 0.53
CA PHE A 131 -9.33 -21.95 1.25
C PHE A 131 -8.63 -23.03 0.43
N PRO A 132 -7.28 -23.02 0.41
CA PRO A 132 -6.39 -22.07 1.12
C PRO A 132 -6.53 -20.64 0.60
N PRO A 133 -6.19 -19.64 1.45
CA PRO A 133 -6.44 -18.27 1.08
C PRO A 133 -5.39 -17.77 0.09
N THR A 134 -5.66 -16.58 -0.44
CA THR A 134 -4.81 -15.95 -1.45
C THR A 134 -3.37 -15.82 -0.93
N ALA A 135 -2.39 -16.14 -1.77
CA ALA A 135 -0.97 -16.01 -1.42
C ALA A 135 -0.63 -14.59 -1.00
N ARG A 136 0.26 -14.51 -0.02
CA ARG A 136 0.81 -13.20 0.37
C ARG A 136 2.32 -13.29 0.61
N SER A 137 3.05 -12.20 0.34
CA SER A 137 4.47 -12.19 0.60
C SER A 137 4.81 -11.01 1.49
N MSE A 138 5.43 -11.28 2.63
CA MSE A 138 5.84 -10.22 3.54
C MSE A 138 7.20 -9.82 3.04
O MSE A 138 8.17 -10.61 3.07
CB MSE A 138 5.86 -10.68 4.97
CG MSE A 138 4.48 -10.41 5.53
SE MSE A 138 4.46 -11.40 7.20
CE MSE A 138 4.33 -13.23 6.45
N ILE A 139 7.30 -8.57 2.62
CA ILE A 139 8.50 -8.09 1.96
C ILE A 139 9.14 -7.01 2.83
N PHE A 140 10.39 -7.27 3.24
CA PHE A 140 11.10 -6.41 4.17
C PHE A 140 12.16 -5.68 3.37
N VAL A 141 12.05 -4.34 3.37
CA VAL A 141 12.96 -3.47 2.62
C VAL A 141 13.94 -2.82 3.59
N THR A 142 15.21 -3.09 3.39
CA THR A 142 16.30 -2.57 4.22
C THR A 142 16.71 -1.19 3.69
N GLU A 143 17.54 -0.50 4.46
CA GLU A 143 17.92 0.90 4.18
C GLU A 143 18.63 1.07 2.83
N ASP A 144 19.28 0.01 2.39
CA ASP A 144 19.92 -0.04 1.07
C ASP A 144 18.94 -0.29 -0.07
N GLY A 145 17.65 -0.42 0.25
CA GLY A 145 16.63 -0.65 -0.77
C GLY A 145 16.46 -2.10 -1.19
N GLU A 146 17.25 -3.00 -0.61
CA GLU A 146 17.14 -4.40 -0.99
C GLU A 146 15.85 -4.90 -0.40
N ARG A 147 15.26 -5.88 -1.06
CA ARG A 147 14.03 -6.50 -0.58
CA ARG A 147 14.01 -6.50 -0.62
C ARG A 147 14.19 -8.05 -0.29
N SER A 148 13.56 -8.45 0.83
CA SER A 148 13.69 -9.84 1.25
C SER A 148 12.26 -10.31 1.47
N MSE A 149 11.86 -11.33 0.71
CA MSE A 149 10.44 -11.72 0.60
C MSE A 149 10.21 -12.99 1.34
O MSE A 149 11.08 -13.87 1.40
CB MSE A 149 10.10 -11.89 -0.88
CG MSE A 149 10.62 -10.69 -1.63
SE MSE A 149 9.78 -10.68 -3.40
CE MSE A 149 10.69 -12.23 -4.19
N ASN A 150 9.03 -13.09 1.96
CA ASN A 150 8.67 -14.23 2.80
C ASN A 150 7.26 -14.63 2.41
N THR A 151 7.16 -15.71 1.63
CA THR A 151 5.95 -15.98 0.84
C THR A 151 5.25 -17.22 1.29
N TYR A 152 3.99 -17.06 1.65
CA TYR A 152 3.07 -18.19 1.89
C TYR A 152 2.25 -18.35 0.62
N LEU A 153 2.41 -19.50 -0.02
CA LEU A 153 1.84 -19.71 -1.34
C LEU A 153 0.30 -19.89 -1.37
N GLY A 154 -0.31 -20.38 -0.28
CA GLY A 154 -1.77 -20.44 -0.21
C GLY A 154 -2.41 -21.01 -1.46
N ALA A 155 -3.40 -20.29 -1.99
CA ALA A 155 -4.14 -20.71 -3.19
C ALA A 155 -3.28 -20.96 -4.45
N CYS A 156 -2.05 -20.44 -4.47
CA CYS A 156 -1.14 -20.72 -5.57
C CYS A 156 -0.88 -22.22 -5.82
N VAL A 157 -0.97 -23.03 -4.76
CA VAL A 157 -0.73 -24.47 -4.90
C VAL A 157 -1.79 -25.18 -5.78
N GLU A 158 -2.92 -24.52 -6.03
CA GLU A 158 -4.00 -25.10 -6.84
C GLU A 158 -3.89 -24.78 -8.34
N LEU A 159 -2.94 -23.94 -8.76
CA LEU A 159 -2.82 -23.68 -10.18
C LEU A 159 -2.43 -24.96 -10.91
N GLY A 160 -3.16 -25.26 -11.98
CA GLY A 160 -2.96 -26.50 -12.71
C GLY A 160 -3.40 -26.41 -14.15
N PRO A 161 -3.26 -27.53 -14.91
CA PRO A 161 -3.64 -27.58 -16.33
C PRO A 161 -5.03 -27.02 -16.63
N GLU A 162 -5.96 -27.17 -15.69
CA GLU A 162 -7.33 -26.69 -15.84
C GLU A 162 -7.46 -25.18 -16.00
N ASP A 163 -6.35 -24.47 -15.70
CA ASP A 163 -6.34 -23.02 -15.69
C ASP A 163 -5.72 -22.45 -16.95
N VAL A 164 -5.24 -23.33 -17.83
CA VAL A 164 -4.70 -22.90 -19.13
C VAL A 164 -5.86 -22.57 -20.06
N GLU A 165 -5.98 -21.29 -20.44
CA GLU A 165 -6.92 -20.85 -21.45
C GLU A 165 -6.19 -21.02 -22.78
N ALA A 166 -6.45 -22.15 -23.44
CA ALA A 166 -5.68 -22.55 -24.62
C ALA A 166 -5.77 -21.52 -25.72
N ASP A 167 -6.95 -20.91 -25.88
CA ASP A 167 -7.13 -19.84 -26.87
C ASP A 167 -6.13 -18.70 -26.64
N VAL A 168 -5.88 -18.38 -25.38
CA VAL A 168 -5.01 -17.25 -25.04
C VAL A 168 -3.52 -17.52 -25.36
N VAL A 169 -3.08 -18.71 -25.00
CA VAL A 169 -1.75 -19.23 -25.35
C VAL A 169 -1.55 -19.26 -26.87
N ALA A 170 -2.51 -19.82 -27.62
CA ALA A 170 -2.50 -19.77 -29.08
C ALA A 170 -2.37 -18.34 -29.68
N ASP A 171 -3.01 -17.36 -29.03
CA ASP A 171 -3.13 -16.00 -29.57
C ASP A 171 -2.14 -15.05 -28.93
N ALA A 172 -1.17 -15.58 -28.21
CA ALA A 172 -0.14 -14.73 -27.58
C ALA A 172 1.24 -14.83 -28.24
N LYS A 173 1.82 -13.70 -28.63
CA LYS A 173 3.13 -13.78 -29.26
C LYS A 173 4.18 -14.47 -28.38
N VAL A 174 4.18 -14.13 -27.09
CA VAL A 174 5.09 -14.72 -26.11
C VAL A 174 4.33 -15.16 -24.88
N THR A 175 4.57 -16.40 -24.47
CA THR A 175 4.18 -16.85 -23.15
C THR A 175 5.37 -16.95 -22.21
N TYR A 176 5.28 -16.20 -21.12
CA TYR A 176 6.37 -16.03 -20.16
C TYR A 176 5.91 -16.56 -18.80
N PHE A 177 6.80 -17.30 -18.16
CA PHE A 177 6.54 -17.86 -16.85
C PHE A 177 7.69 -17.81 -15.84
N GLU A 178 7.33 -17.91 -14.57
CA GLU A 178 8.27 -17.92 -13.47
C GLU A 178 8.87 -19.28 -13.16
N GLY A 179 10.19 -19.27 -12.96
CA GLY A 179 10.89 -20.37 -12.27
C GLY A 179 10.19 -20.74 -10.95
N TYR A 180 9.67 -19.73 -10.28
CA TYR A 180 8.96 -19.84 -9.01
C TYR A 180 7.82 -20.86 -9.10
N LEU A 181 7.31 -21.10 -10.32
CA LEU A 181 6.16 -22.03 -10.51
C LEU A 181 6.53 -23.47 -10.22
N TRP A 182 7.83 -23.75 -10.11
CA TRP A 182 8.27 -25.11 -9.80
C TRP A 182 8.07 -25.51 -8.33
N ASP A 183 7.81 -24.54 -7.45
CA ASP A 183 7.52 -24.84 -6.02
C ASP A 183 6.13 -25.43 -5.78
N PRO A 184 5.05 -24.77 -6.28
CA PRO A 184 3.75 -25.47 -6.11
C PRO A 184 3.72 -26.76 -6.93
N PRO A 185 2.79 -27.70 -6.60
CA PRO A 185 2.91 -29.05 -7.13
C PRO A 185 2.55 -29.23 -8.60
N ARG A 186 1.49 -28.56 -9.07
CA ARG A 186 0.92 -28.86 -10.37
C ARG A 186 1.14 -27.77 -11.42
N ALA A 187 1.74 -26.64 -11.01
CA ALA A 187 1.86 -25.53 -11.94
C ALA A 187 2.71 -25.89 -13.19
N LYS A 188 3.78 -26.65 -13.00
CA LYS A 188 4.64 -27.12 -14.12
C LYS A 188 3.86 -27.87 -15.21
N GLU A 189 2.82 -28.60 -14.81
CA GLU A 189 1.98 -29.29 -15.78
C GLU A 189 1.27 -28.30 -16.69
N ALA A 190 0.74 -27.22 -16.12
CA ALA A 190 0.16 -26.11 -16.91
C ALA A 190 1.21 -25.50 -17.84
N ILE A 191 2.41 -25.31 -17.32
CA ILE A 191 3.49 -24.75 -18.14
C ILE A 191 3.87 -25.64 -19.33
N LEU A 192 3.95 -26.96 -19.13
CA LEU A 192 4.22 -27.86 -20.25
C LEU A 192 3.09 -27.82 -21.30
N ASP A 193 1.83 -27.75 -20.85
CA ASP A 193 0.71 -27.53 -21.75
C ASP A 193 0.83 -26.22 -22.55
N CYS A 194 1.21 -25.13 -21.86
CA CYS A 194 1.46 -23.85 -22.52
C CYS A 194 2.53 -23.97 -23.60
N ALA A 195 3.65 -24.62 -23.26
CA ALA A 195 4.78 -24.79 -24.18
C ALA A 195 4.34 -25.47 -25.46
N ARG A 196 3.57 -26.54 -25.32
CA ARG A 196 3.06 -27.28 -26.46
C ARG A 196 2.22 -26.40 -27.37
N ILE A 197 1.21 -25.74 -26.79
CA ILE A 197 0.22 -24.95 -27.51
C ILE A 197 0.93 -23.78 -28.18
N ALA A 198 1.78 -23.09 -27.43
CA ALA A 198 2.50 -21.95 -27.95
C ALA A 198 3.32 -22.35 -29.19
N HIS A 199 4.13 -23.39 -29.06
CA HIS A 199 5.00 -23.82 -30.15
C HIS A 199 4.24 -24.41 -31.35
N GLN A 200 3.11 -25.06 -31.09
CA GLN A 200 2.22 -25.51 -32.18
C GLN A 200 1.61 -24.36 -32.97
N HIS A 201 1.50 -23.18 -32.34
CA HIS A 201 0.90 -22.01 -32.99
C HIS A 201 1.97 -21.00 -33.42
N GLY A 202 3.24 -21.45 -33.43
CA GLY A 202 4.38 -20.62 -33.85
C GLY A 202 4.76 -19.47 -32.95
N ARG A 203 4.39 -19.56 -31.68
CA ARG A 203 4.70 -18.51 -30.72
C ARG A 203 5.99 -18.87 -30.01
N GLU A 204 6.44 -17.98 -29.15
CA GLU A 204 7.62 -18.23 -28.35
C GLU A 204 7.32 -18.34 -26.84
N MSE A 205 8.17 -19.09 -26.17
CA MSE A 205 8.08 -19.30 -24.74
C MSE A 205 9.25 -18.64 -24.08
O MSE A 205 10.38 -18.68 -24.59
CB MSE A 205 8.21 -20.79 -24.42
CG MSE A 205 7.04 -21.64 -24.91
SE MSE A 205 5.46 -21.15 -23.86
CE MSE A 205 6.07 -21.63 -22.05
N SER A 206 9.01 -18.08 -22.91
CA SER A 206 10.03 -17.38 -22.15
C SER A 206 9.93 -17.73 -20.67
N MSE A 207 11.07 -17.77 -19.98
CA MSE A 207 11.02 -17.89 -18.53
C MSE A 207 11.99 -16.97 -17.85
O MSE A 207 12.94 -16.48 -18.47
CB MSE A 207 11.25 -19.35 -18.07
CG MSE A 207 12.73 -19.66 -18.00
SE MSE A 207 12.95 -21.47 -17.34
CE MSE A 207 12.44 -21.18 -15.46
N THR A 208 11.73 -16.70 -16.59
CA THR A 208 12.71 -16.10 -15.70
C THR A 208 13.17 -17.17 -14.69
N LEU A 209 14.45 -17.14 -14.36
CA LEU A 209 15.04 -18.00 -13.35
C LEU A 209 14.61 -17.63 -11.92
N SER A 210 13.99 -16.44 -11.79
CA SER A 210 13.30 -15.98 -10.58
C SER A 210 14.14 -15.64 -9.33
N ASP A 211 15.03 -16.52 -8.90
CA ASP A 211 15.70 -16.45 -7.61
C ASP A 211 16.81 -17.51 -7.56
N SER A 212 17.96 -17.15 -6.96
CA SER A 212 19.13 -18.04 -6.94
C SER A 212 18.90 -19.37 -6.20
N PHE A 213 18.09 -19.33 -5.14
CA PHE A 213 17.73 -20.53 -4.38
C PHE A 213 16.67 -21.35 -5.13
N CYS A 214 15.77 -20.66 -5.83
CA CYS A 214 14.81 -21.33 -6.73
C CYS A 214 15.57 -22.12 -7.81
N VAL A 215 16.59 -21.50 -8.39
CA VAL A 215 17.43 -22.18 -9.35
C VAL A 215 18.12 -23.37 -8.71
N ASP A 216 18.52 -23.23 -7.46
CA ASP A 216 19.22 -24.32 -6.79
C ASP A 216 18.30 -25.53 -6.57
N ARG A 217 17.03 -25.27 -6.31
CA ARG A 217 16.03 -26.33 -6.11
C ARG A 217 15.75 -27.07 -7.42
N TYR A 218 15.75 -26.35 -8.54
CA TYR A 218 15.31 -26.90 -9.83
C TYR A 218 16.31 -26.75 -10.97
N ARG A 219 17.58 -26.81 -10.63
CA ARG A 219 18.67 -26.59 -11.59
C ARG A 219 18.57 -27.49 -12.82
N GLY A 220 18.46 -28.80 -12.61
CA GLY A 220 18.38 -29.76 -13.73
C GLY A 220 17.11 -29.57 -14.55
N GLU A 221 16.00 -29.27 -13.88
CA GLU A 221 14.71 -29.00 -14.53
CA GLU A 221 14.74 -29.05 -14.58
C GLU A 221 14.76 -27.79 -15.45
N PHE A 222 15.38 -26.72 -14.96
CA PHE A 222 15.47 -25.47 -15.72
C PHE A 222 16.39 -25.64 -16.93
N LEU A 223 17.53 -26.29 -16.74
CA LEU A 223 18.44 -26.61 -17.85
C LEU A 223 17.75 -27.39 -18.94
N ASP A 224 16.96 -28.39 -18.54
CA ASP A 224 16.22 -29.22 -19.48
CA ASP A 224 16.19 -29.22 -19.45
C ASP A 224 15.14 -28.45 -20.25
N LEU A 225 14.47 -27.52 -19.58
CA LEU A 225 13.50 -26.64 -20.26
C LEU A 225 14.15 -25.86 -21.40
N MSE A 226 15.36 -25.36 -21.17
CA MSE A 226 16.11 -24.59 -22.17
C MSE A 226 16.66 -25.47 -23.26
O MSE A 226 16.46 -25.18 -24.45
CB MSE A 226 17.25 -23.83 -21.47
CG MSE A 226 16.71 -22.74 -20.56
SE MSE A 226 18.08 -22.16 -19.25
CE MSE A 226 19.39 -21.25 -20.41
N ARG A 227 17.34 -26.54 -22.88
CA ARG A 227 17.99 -27.47 -23.84
C ARG A 227 17.00 -28.24 -24.73
N SER A 228 15.83 -28.58 -24.18
CA SER A 228 14.77 -29.23 -24.97
C SER A 228 14.03 -28.28 -25.92
N GLY A 229 14.25 -26.98 -25.75
CA GLY A 229 13.58 -25.98 -26.57
C GLY A 229 12.18 -25.61 -26.13
N LYS A 230 11.81 -26.00 -24.91
CA LYS A 230 10.52 -25.61 -24.33
C LYS A 230 10.52 -24.14 -23.94
N VAL A 231 11.71 -23.59 -23.72
CA VAL A 231 11.90 -22.16 -23.45
C VAL A 231 12.83 -21.62 -24.52
N ASP A 232 12.41 -20.52 -25.14
CA ASP A 232 13.16 -19.85 -26.20
C ASP A 232 13.94 -18.66 -25.67
N ILE A 233 13.37 -17.96 -24.69
CA ILE A 233 14.00 -16.76 -24.16
C ILE A 233 14.08 -16.84 -22.64
N VAL A 234 15.29 -16.73 -22.09
CA VAL A 234 15.50 -16.83 -20.64
CA VAL A 234 15.48 -16.82 -20.64
C VAL A 234 15.95 -15.50 -20.03
N PHE A 235 15.35 -15.17 -18.88
CA PHE A 235 15.75 -14.03 -18.06
C PHE A 235 16.46 -14.50 -16.81
N ALA A 236 17.59 -13.84 -16.53
CA ALA A 236 18.39 -14.15 -15.37
C ALA A 236 19.01 -12.88 -14.87
N ASN A 237 19.26 -12.85 -13.58
CA ASN A 237 20.21 -11.88 -13.05
C ASN A 237 21.55 -12.57 -12.80
N ARG A 238 22.58 -11.81 -12.42
CA ARG A 238 23.90 -12.38 -12.20
C ARG A 238 23.89 -13.54 -11.20
N GLN A 239 23.21 -13.37 -10.07
CA GLN A 239 23.15 -14.38 -9.01
C GLN A 239 22.51 -15.68 -9.51
N GLU A 240 21.45 -15.54 -10.29
CA GLU A 240 20.76 -16.71 -10.88
C GLU A 240 21.62 -17.42 -11.91
N ALA A 241 22.31 -16.67 -12.74
CA ALA A 241 23.21 -17.25 -13.72
C ALA A 241 24.37 -18.01 -13.08
N LEU A 242 24.95 -17.44 -12.00
CA LEU A 242 26.00 -18.12 -11.25
C LEU A 242 25.50 -19.41 -10.57
N SER A 243 24.29 -19.35 -10.02
N SER A 243 24.29 -19.36 -10.02
CA SER A 243 23.68 -20.51 -9.37
CA SER A 243 23.70 -20.53 -9.38
C SER A 243 23.36 -21.61 -10.37
C SER A 243 23.38 -21.63 -10.38
N LEU A 244 22.88 -21.23 -11.56
CA LEU A 244 22.53 -22.20 -12.60
C LEU A 244 23.70 -23.13 -12.95
N TYR A 245 24.90 -22.58 -13.05
CA TYR A 245 26.08 -23.37 -13.43
C TYR A 245 27.01 -23.66 -12.24
N GLN A 246 26.55 -23.26 -11.05
CA GLN A 246 27.30 -23.41 -9.78
C GLN A 246 28.73 -22.96 -9.90
N THR A 247 28.89 -21.74 -10.40
CA THR A 247 30.18 -21.18 -10.72
C THR A 247 30.35 -19.80 -10.09
N ASP A 248 31.60 -19.42 -9.84
CA ASP A 248 31.95 -18.07 -9.41
C ASP A 248 32.45 -17.20 -10.57
N ASP A 249 32.49 -17.78 -11.75
CA ASP A 249 32.97 -17.17 -12.98
C ASP A 249 31.79 -16.68 -13.84
N PHE A 250 31.51 -15.37 -13.76
CA PHE A 250 30.41 -14.78 -14.53
C PHE A 250 30.57 -14.92 -16.04
N GLU A 251 31.81 -14.81 -16.54
CA GLU A 251 32.07 -15.01 -17.97
C GLU A 251 31.68 -16.40 -18.44
N GLU A 252 32.00 -17.41 -17.63
CA GLU A 252 31.60 -18.79 -17.89
C GLU A 252 30.08 -18.90 -17.94
N ALA A 253 29.41 -18.33 -16.94
CA ALA A 253 27.93 -18.36 -16.87
C ALA A 253 27.30 -17.75 -18.12
N LEU A 254 27.82 -16.61 -18.59
CA LEU A 254 27.31 -16.01 -19.82
C LEU A 254 27.54 -16.91 -21.04
N ASN A 255 28.73 -17.50 -21.16
CA ASN A 255 29.02 -18.40 -22.26
C ASN A 255 28.10 -19.62 -22.26
N ARG A 256 27.87 -20.17 -21.07
CA ARG A 256 27.04 -21.37 -20.95
C ARG A 256 25.55 -21.09 -21.20
N ILE A 257 25.04 -19.99 -20.65
CA ILE A 257 23.64 -19.63 -20.84
C ILE A 257 23.31 -19.32 -22.31
N ALA A 258 24.24 -18.70 -23.03
CA ALA A 258 24.05 -18.49 -24.46
C ALA A 258 23.99 -19.79 -25.26
N ALA A 259 24.68 -20.83 -24.76
CA ALA A 259 24.73 -22.12 -25.45
C ALA A 259 23.45 -22.91 -25.18
N ASP A 260 22.80 -22.59 -24.07
CA ASP A 260 21.64 -23.37 -23.60
C ASP A 260 20.28 -22.86 -24.05
N CYS A 261 20.21 -21.61 -24.49
CA CYS A 261 18.93 -21.04 -24.92
CA CYS A 261 18.94 -20.99 -24.87
C CYS A 261 19.11 -20.09 -26.10
N LYS A 262 18.04 -19.93 -26.89
CA LYS A 262 18.11 -19.11 -28.11
C LYS A 262 18.47 -17.65 -27.81
N ILE A 263 17.80 -17.06 -26.82
CA ILE A 263 18.08 -15.71 -26.36
C ILE A 263 18.11 -15.70 -24.83
N ALA A 264 19.15 -15.10 -24.27
CA ALA A 264 19.25 -14.87 -22.83
C ALA A 264 19.38 -13.38 -22.56
N ALA A 265 18.62 -12.90 -21.58
CA ALA A 265 18.69 -11.51 -21.15
C ALA A 265 19.18 -11.53 -19.71
N VAL A 266 20.42 -11.10 -19.49
CA VAL A 266 21.02 -11.20 -18.17
C VAL A 266 21.18 -9.82 -17.55
N THR A 267 20.58 -9.63 -16.37
CA THR A 267 20.67 -8.35 -15.68
C THR A 267 21.76 -8.33 -14.62
N MSE A 268 22.38 -7.16 -14.45
CA MSE A 268 23.49 -7.01 -13.50
C MSE A 268 23.32 -5.80 -12.60
O MSE A 268 24.29 -5.08 -12.31
CB MSE A 268 24.81 -6.94 -14.29
CG MSE A 268 24.98 -8.07 -15.31
SE MSE A 268 26.50 -7.65 -16.50
CE MSE A 268 25.69 -6.22 -17.58
N SER A 269 22.08 -5.60 -12.14
CA SER A 269 21.72 -4.51 -11.22
C SER A 269 22.23 -3.15 -11.72
N GLU A 270 23.13 -2.50 -10.96
CA GLU A 270 23.62 -1.18 -11.35
C GLU A 270 24.57 -1.22 -12.57
N ASN A 271 25.06 -2.41 -12.90
CA ASN A 271 25.98 -2.59 -14.03
C ASN A 271 25.28 -2.85 -15.37
N GLY A 272 23.96 -2.70 -15.38
CA GLY A 272 23.20 -2.75 -16.61
C GLY A 272 22.74 -4.16 -16.94
N ALA A 273 22.72 -4.48 -18.23
CA ALA A 273 22.23 -5.77 -18.69
C ALA A 273 22.99 -6.19 -19.93
N VAL A 274 22.97 -7.48 -20.24
CA VAL A 274 23.61 -7.97 -21.46
C VAL A 274 22.64 -8.95 -22.10
N ILE A 275 22.35 -8.77 -23.39
CA ILE A 275 21.48 -9.68 -24.14
C ILE A 275 22.36 -10.57 -25.01
N LEU A 276 22.13 -11.87 -24.91
CA LEU A 276 22.94 -12.88 -25.60
C LEU A 276 22.10 -13.58 -26.65
N LYS A 277 22.66 -13.75 -27.84
CA LYS A 277 22.02 -14.51 -28.90
C LYS A 277 23.10 -15.20 -29.75
N GLY A 278 23.24 -16.51 -29.56
CA GLY A 278 24.33 -17.27 -30.21
C GLY A 278 25.67 -16.73 -29.77
N ARG A 279 26.44 -16.20 -30.72
CA ARG A 279 27.71 -15.55 -30.44
C ARG A 279 27.60 -14.04 -30.21
N GLU A 280 26.43 -13.46 -30.49
CA GLU A 280 26.19 -12.02 -30.31
C GLU A 280 26.03 -11.67 -28.82
N ARG A 281 26.68 -10.59 -28.37
CA ARG A 281 26.37 -10.01 -27.06
C ARG A 281 26.03 -8.53 -27.22
N TYR A 282 24.93 -8.12 -26.61
CA TYR A 282 24.51 -6.72 -26.63
C TYR A 282 24.40 -6.16 -25.22
N TYR A 283 25.37 -5.32 -24.86
CA TYR A 283 25.40 -4.70 -23.52
C TYR A 283 24.53 -3.44 -23.49
N VAL A 284 23.88 -3.21 -22.35
CA VAL A 284 23.05 -2.02 -22.17
C VAL A 284 23.36 -1.40 -20.81
N ASN A 285 23.58 -0.07 -20.80
CA ASN A 285 23.75 0.68 -19.54
C ASN A 285 22.50 0.73 -18.65
N ALA A 286 22.73 0.79 -17.34
CA ALA A 286 21.65 1.10 -16.40
C ALA A 286 21.41 2.60 -16.34
N ILE A 287 20.14 3.00 -16.22
CA ILE A 287 19.77 4.41 -16.08
C ILE A 287 20.32 4.94 -14.74
N ARG A 288 20.74 6.20 -14.68
CA ARG A 288 21.23 6.73 -13.41
C ARG A 288 20.10 7.14 -12.46
N ILE A 289 20.20 6.66 -11.22
CA ILE A 289 19.11 6.71 -10.26
C ILE A 289 19.24 7.88 -9.29
N ARG A 290 18.13 8.56 -9.00
CA ARG A 290 18.09 9.53 -7.90
C ARG A 290 18.51 8.82 -6.61
N GLU A 291 17.72 7.82 -6.22
CA GLU A 291 17.96 7.02 -5.03
C GLU A 291 17.20 5.72 -5.18
N VAL A 292 17.79 4.61 -4.73
CA VAL A 292 17.09 3.32 -4.75
C VAL A 292 16.19 3.21 -3.52
N VAL A 293 14.88 3.24 -3.77
CA VAL A 293 13.86 3.25 -2.73
C VAL A 293 13.51 1.81 -2.32
N ASP A 294 13.35 0.96 -3.31
CA ASP A 294 12.84 -0.38 -3.09
C ASP A 294 13.03 -1.17 -4.38
N THR A 295 13.97 -2.11 -4.36
CA THR A 295 14.30 -2.91 -5.54
C THR A 295 13.18 -3.90 -5.96
N THR A 296 12.14 -4.05 -5.13
CA THR A 296 11.06 -5.00 -5.49
C THR A 296 10.52 -4.72 -6.88
N GLY A 297 10.54 -5.74 -7.74
CA GLY A 297 9.93 -5.65 -9.06
C GLY A 297 10.92 -5.28 -10.16
N ALA A 298 12.17 -5.00 -9.81
CA ALA A 298 13.13 -4.58 -10.83
C ALA A 298 13.22 -5.60 -11.99
N GLY A 299 13.53 -6.84 -11.64
CA GLY A 299 13.66 -7.90 -12.65
C GLY A 299 12.37 -8.12 -13.41
N ASP A 300 11.23 -8.06 -12.70
CA ASP A 300 9.93 -8.21 -13.34
C ASP A 300 9.64 -7.19 -14.42
N LEU A 301 9.95 -5.93 -14.13
CA LEU A 301 9.74 -4.83 -15.05
C LEU A 301 10.83 -4.73 -16.14
N PHE A 302 12.06 -5.19 -15.85
CA PHE A 302 13.01 -5.46 -16.94
C PHE A 302 12.38 -6.39 -17.99
N ALA A 303 11.74 -7.45 -17.53
CA ALA A 303 11.08 -8.36 -18.45
C ALA A 303 9.90 -7.71 -19.20
N SER A 304 9.13 -6.86 -18.51
CA SER A 304 8.05 -6.09 -19.16
C SER A 304 8.59 -5.29 -20.35
N GLY A 305 9.64 -4.54 -20.07
CA GLY A 305 10.26 -3.67 -21.07
C GLY A 305 10.86 -4.43 -22.24
N PHE A 306 11.61 -5.48 -21.92
CA PHE A 306 12.20 -6.36 -22.91
C PHE A 306 11.13 -7.00 -23.80
N LEU A 307 10.15 -7.64 -23.16
CA LEU A 307 9.11 -8.32 -23.91
C LEU A 307 8.21 -7.39 -24.73
N TYR A 308 7.91 -6.21 -24.19
CA TYR A 308 7.13 -5.23 -24.95
C TYR A 308 7.91 -4.88 -26.23
N GLY A 309 9.20 -4.59 -26.07
CA GLY A 309 10.06 -4.30 -27.21
C GLY A 309 10.15 -5.43 -28.21
N TYR A 310 10.32 -6.64 -27.71
CA TYR A 310 10.48 -7.84 -28.54
C TYR A 310 9.23 -8.12 -29.38
N THR A 311 8.05 -7.96 -28.78
CA THR A 311 6.83 -8.22 -29.50
C THR A 311 6.41 -7.09 -30.46
N GLN A 312 7.10 -5.96 -30.35
CA GLN A 312 6.94 -4.85 -31.29
C GLN A 312 7.98 -4.90 -32.43
N GLY A 313 8.81 -5.94 -32.44
CA GLY A 313 9.78 -6.16 -33.51
C GLY A 313 11.05 -5.34 -33.35
N ARG A 314 11.31 -4.90 -32.12
CA ARG A 314 12.46 -4.01 -31.84
C ARG A 314 13.80 -4.76 -31.78
N SER A 315 14.91 -4.05 -32.01
CA SER A 315 16.24 -4.67 -31.91
C SER A 315 16.41 -5.20 -30.49
N LEU A 316 17.25 -6.23 -30.33
CA LEU A 316 17.59 -6.76 -28.99
C LEU A 316 18.20 -5.69 -28.08
N GLU A 317 18.99 -4.75 -28.63
CA GLU A 317 19.52 -3.68 -27.78
C GLU A 317 18.38 -2.76 -27.28
N ASP A 318 17.49 -2.35 -28.18
CA ASP A 318 16.32 -1.55 -27.81
C ASP A 318 15.37 -2.25 -26.81
N CYS A 319 15.26 -3.58 -26.90
CA CYS A 319 14.49 -4.35 -25.91
C CYS A 319 15.17 -4.22 -24.56
N GLY A 320 16.48 -4.45 -24.53
CA GLY A 320 17.29 -4.24 -23.32
C GLY A 320 17.13 -2.82 -22.78
N LYS A 321 17.17 -1.81 -23.67
CA LYS A 321 16.95 -0.43 -23.23
C LYS A 321 15.57 -0.21 -22.60
N LEU A 322 14.53 -0.75 -23.24
CA LEU A 322 13.17 -0.62 -22.71
C LEU A 322 13.07 -1.31 -21.33
N GLY A 323 13.73 -2.45 -21.20
CA GLY A 323 13.77 -3.18 -19.92
C GLY A 323 14.45 -2.40 -18.81
N CYS A 324 15.62 -1.84 -19.12
CA CYS A 324 16.35 -1.04 -18.12
C CYS A 324 15.56 0.21 -17.68
N LEU A 325 14.87 0.83 -18.61
CA LEU A 325 14.04 2.00 -18.31
C LEU A 325 12.95 1.62 -17.31
N ALA A 326 12.19 0.59 -17.63
CA ALA A 326 11.13 0.14 -16.71
C ALA A 326 11.64 -0.22 -15.31
N ALA A 327 12.71 -1.02 -15.26
CA ALA A 327 13.38 -1.40 -14.01
C ALA A 327 13.87 -0.22 -13.19
N GLY A 328 14.50 0.72 -13.87
CA GLY A 328 14.94 1.96 -13.22
C GLY A 328 13.82 2.74 -12.56
N ILE A 329 12.68 2.83 -13.24
CA ILE A 329 11.50 3.51 -12.71
C ILE A 329 10.94 2.77 -11.48
N VAL A 330 10.73 1.47 -11.61
CA VAL A 330 10.11 0.74 -10.50
C VAL A 330 10.92 0.79 -9.19
N ILE A 331 12.25 0.80 -9.28
CA ILE A 331 13.09 0.81 -8.06
C ILE A 331 13.12 2.15 -7.33
N GLN A 332 12.57 3.20 -7.96
CA GLN A 332 12.47 4.51 -7.32
C GLN A 332 11.15 4.79 -6.61
N GLN A 333 10.32 3.74 -6.46
CA GLN A 333 9.06 3.85 -5.76
C GLN A 333 8.89 2.66 -4.82
N ILE A 334 8.02 2.82 -3.85
CA ILE A 334 7.62 1.70 -3.01
C ILE A 334 6.56 0.90 -3.76
N GLY A 335 6.68 -0.43 -3.75
CA GLY A 335 5.75 -1.27 -4.47
C GLY A 335 6.23 -1.76 -5.83
N PRO A 336 5.76 -2.93 -6.25
CA PRO A 336 6.35 -3.63 -7.41
C PRO A 336 5.81 -3.25 -8.81
N ARG A 337 4.76 -2.44 -8.87
CA ARG A 337 4.17 -2.06 -10.15
C ARG A 337 4.20 -0.54 -10.32
N PRO A 338 4.91 -0.04 -11.36
CA PRO A 338 5.01 1.41 -11.52
C PRO A 338 3.66 2.13 -11.50
N MSE A 339 3.58 3.15 -10.66
CA MSE A 339 2.40 4.00 -10.49
C MSE A 339 2.32 5.11 -11.49
O MSE A 339 1.33 5.83 -11.57
CB MSE A 339 2.50 4.58 -9.09
CG MSE A 339 2.01 3.54 -8.08
SE MSE A 339 2.27 4.13 -6.22
CE MSE A 339 4.23 4.40 -6.17
N THR A 340 3.38 5.26 -12.29
CA THR A 340 3.43 6.27 -13.35
C THR A 340 3.36 5.59 -14.71
N SER A 341 3.18 6.38 -15.75
CA SER A 341 3.11 5.88 -17.12
C SER A 341 4.48 5.53 -17.70
N LEU A 342 4.68 4.24 -17.94
CA LEU A 342 5.87 3.72 -18.61
C LEU A 342 5.90 4.11 -20.08
N SER A 343 4.75 4.09 -20.74
CA SER A 343 4.66 4.54 -22.13
C SER A 343 5.07 6.02 -22.27
N GLU A 344 4.62 6.87 -21.35
CA GLU A 344 5.04 8.28 -21.39
C GLU A 344 6.53 8.38 -21.17
N ALA A 345 7.06 7.55 -20.27
CA ALA A 345 8.49 7.58 -19.96
C ALA A 345 9.29 7.12 -21.19
N ALA A 346 8.82 6.03 -21.80
CA ALA A 346 9.41 5.53 -23.05
C ALA A 346 9.40 6.55 -24.20
N LYS A 347 8.31 7.30 -24.35
CA LYS A 347 8.23 8.34 -25.39
C LYS A 347 9.23 9.46 -25.14
N GLN A 348 9.34 9.89 -23.87
CA GLN A 348 10.29 10.93 -23.47
C GLN A 348 11.71 10.48 -23.76
N ALA A 349 11.92 9.16 -23.73
CA ALA A 349 13.25 8.56 -23.92
C ALA A 349 13.58 8.27 -25.38
N GLY A 350 12.66 8.60 -26.28
CA GLY A 350 12.80 8.25 -27.69
C GLY A 350 12.80 6.76 -28.00
N LEU A 351 12.38 5.94 -27.03
CA LEU A 351 12.23 4.50 -27.26
C LEU A 351 10.85 4.27 -27.86
N ILE A 352 9.91 5.13 -27.46
CA ILE A 352 8.57 5.24 -28.06
C ILE A 352 7.86 3.89 -28.24
N MSE B 23 1.44 8.94 37.37
CA MSE B 23 1.69 8.25 36.06
C MSE B 23 0.49 7.45 35.65
O MSE B 23 0.12 6.49 36.32
CB MSE B 23 2.96 7.38 36.11
CG MSE B 23 3.16 6.66 37.45
SE MSE B 23 4.40 5.13 37.23
CE MSE B 23 3.37 3.78 38.22
N THR B 24 -0.15 7.86 34.55
CA THR B 24 -1.32 7.17 34.00
C THR B 24 -0.88 6.28 32.84
N ARG B 25 -1.76 5.38 32.37
CA ARG B 25 -1.38 4.43 31.33
C ARG B 25 -1.28 5.04 29.92
N PHE B 26 -2.20 5.93 29.57
CA PHE B 26 -2.28 6.47 28.21
C PHE B 26 -2.25 7.99 28.18
N ASP B 27 -1.54 8.54 27.18
CA ASP B 27 -1.60 9.96 26.92
C ASP B 27 -2.85 10.30 26.13
N VAL B 28 -3.10 9.52 25.08
CA VAL B 28 -4.24 9.76 24.22
C VAL B 28 -4.98 8.47 23.87
N LEU B 29 -6.27 8.48 24.16
CA LEU B 29 -7.18 7.53 23.59
C LEU B 29 -7.96 8.20 22.44
N THR B 30 -7.99 7.54 21.28
CA THR B 30 -8.84 7.99 20.21
C THR B 30 -9.91 6.97 19.90
N VAL B 31 -11.00 7.46 19.36
CA VAL B 31 -12.15 6.63 18.99
C VAL B 31 -12.63 7.06 17.62
N GLY B 32 -12.77 6.09 16.72
CA GLY B 32 -13.28 6.38 15.41
C GLY B 32 -13.71 5.20 14.57
N ASN B 33 -14.02 5.50 13.33
CA ASN B 33 -14.32 4.51 12.33
C ASN B 33 -13.08 3.77 11.86
N ALA B 34 -13.03 2.47 12.13
CA ALA B 34 -11.87 1.67 11.75
C ALA B 34 -11.92 1.29 10.26
N ILE B 35 -10.99 1.87 9.50
CA ILE B 35 -11.07 1.85 8.03
C ILE B 35 -9.74 1.42 7.42
N VAL B 36 -9.81 0.58 6.38
CA VAL B 36 -8.65 0.38 5.47
C VAL B 36 -8.80 1.24 4.22
N ASP B 37 -7.76 2.01 3.87
CA ASP B 37 -7.80 2.84 2.68
C ASP B 37 -7.37 2.09 1.45
N ILE B 38 -7.99 2.42 0.35
CA ILE B 38 -7.67 1.88 -0.96
C ILE B 38 -7.40 3.10 -1.81
N ILE B 39 -6.12 3.30 -2.16
CA ILE B 39 -5.63 4.59 -2.67
C ILE B 39 -5.20 4.51 -4.13
N SER B 40 -5.67 5.45 -4.94
CA SER B 40 -5.30 5.55 -6.34
C SER B 40 -5.24 7.02 -6.78
N ARG B 41 -4.40 7.28 -7.79
CA ARG B 41 -4.32 8.58 -8.40
C ARG B 41 -5.38 8.71 -9.49
N CYS B 42 -6.00 9.88 -9.62
CA CYS B 42 -6.91 10.11 -10.74
C CYS B 42 -6.79 11.54 -11.26
N ASN B 43 -7.39 11.83 -12.40
CA ASN B 43 -7.50 13.22 -12.87
C ASN B 43 -8.78 13.86 -12.34
N ASP B 44 -8.88 15.19 -12.44
CA ASP B 44 -10.06 15.87 -11.91
CA ASP B 44 -10.06 15.91 -11.95
C ASP B 44 -11.34 15.50 -12.68
N GLN B 45 -11.20 15.07 -13.93
CA GLN B 45 -12.39 14.67 -14.70
C GLN B 45 -13.02 13.42 -14.11
N PHE B 46 -12.20 12.53 -13.56
CA PHE B 46 -12.72 11.32 -12.92
C PHE B 46 -13.72 11.66 -11.81
N LEU B 47 -13.39 12.64 -10.98
CA LEU B 47 -14.30 13.09 -9.91
C LEU B 47 -15.61 13.62 -10.45
N ILE B 48 -15.54 14.42 -11.52
CA ILE B 48 -16.74 15.01 -12.13
C ILE B 48 -17.62 13.90 -12.73
N ASP B 49 -17.01 12.99 -13.50
CA ASP B 49 -17.74 11.91 -14.17
C ASP B 49 -18.45 11.01 -13.16
N ASN B 50 -17.84 10.85 -11.99
CA ASN B 50 -18.37 9.93 -10.98
C ASN B 50 -19.15 10.63 -9.87
N GLN B 51 -19.34 11.94 -10.03
CA GLN B 51 -20.09 12.77 -9.07
C GLN B 51 -19.55 12.61 -7.62
N ILE B 52 -18.22 12.58 -7.54
CA ILE B 52 -17.45 12.50 -6.29
C ILE B 52 -17.15 13.92 -5.84
N THR B 53 -17.59 14.27 -4.63
CA THR B 53 -17.35 15.62 -4.12
C THR B 53 -15.88 15.73 -3.75
N LYS B 54 -15.17 16.64 -4.43
CA LYS B 54 -13.72 16.76 -4.24
C LYS B 54 -13.38 17.24 -2.82
N ALA B 55 -12.34 16.64 -2.25
CA ALA B 55 -11.78 17.01 -0.93
C ALA B 55 -12.64 16.58 0.25
N ALA B 56 -13.70 15.83 -0.05
CA ALA B 56 -14.68 15.51 0.97
C ALA B 56 -14.71 14.01 1.27
N MSE B 57 -15.31 13.68 2.41
CA MSE B 57 -15.67 12.31 2.74
C MSE B 57 -17.08 12.06 2.22
O MSE B 57 -18.03 12.73 2.65
CB MSE B 57 -15.57 12.15 4.26
CG MSE B 57 -15.45 10.70 4.70
SE MSE B 57 -17.16 9.77 4.57
CE MSE B 57 -18.14 10.73 5.99
N ASN B 58 -17.19 11.11 1.28
CA ASN B 58 -18.43 10.79 0.60
C ASN B 58 -18.84 9.42 1.10
N LEU B 59 -19.93 9.35 1.86
CA LEU B 59 -20.43 8.05 2.27
C LEU B 59 -21.04 7.32 1.09
N ILE B 60 -20.82 6.00 1.04
CA ILE B 60 -21.34 5.18 -0.05
C ILE B 60 -21.86 3.85 0.47
N ASP B 61 -22.85 3.31 -0.22
CA ASP B 61 -23.30 1.97 0.11
C ASP B 61 -22.50 0.88 -0.62
N ALA B 62 -22.82 -0.38 -0.32
CA ALA B 62 -22.09 -1.52 -0.88
C ALA B 62 -22.15 -1.55 -2.40
N GLU B 63 -23.30 -1.21 -2.98
CA GLU B 63 -23.46 -1.22 -4.44
C GLU B 63 -22.56 -0.17 -5.09
N ARG B 64 -22.61 1.07 -4.59
CA ARG B 64 -21.72 2.14 -5.09
C ARG B 64 -20.24 1.81 -4.87
N ALA B 65 -19.91 1.16 -3.75
CA ALA B 65 -18.53 0.76 -3.49
C ALA B 65 -18.00 -0.18 -4.58
N GLU B 66 -18.80 -1.17 -4.95
CA GLU B 66 -18.43 -2.08 -6.03
C GLU B 66 -18.30 -1.33 -7.35
N LEU B 67 -19.23 -0.40 -7.62
CA LEU B 67 -19.23 0.38 -8.85
C LEU B 67 -17.97 1.27 -8.93
N LEU B 68 -17.69 2.03 -7.89
CA LEU B 68 -16.49 2.88 -7.89
C LEU B 68 -15.21 2.06 -8.03
N TYR B 69 -15.13 0.93 -7.32
CA TYR B 69 -13.96 0.06 -7.40
C TYR B 69 -13.72 -0.42 -8.82
N SER B 70 -14.80 -0.79 -9.51
CA SER B 70 -14.70 -1.28 -10.89
C SER B 70 -14.11 -0.23 -11.86
N ARG B 71 -14.25 1.05 -11.48
CA ARG B 71 -13.76 2.16 -12.29
C ARG B 71 -12.41 2.70 -11.84
N MSE B 72 -11.98 2.29 -10.65
CA MSE B 72 -10.71 2.72 -10.07
C MSE B 72 -9.54 2.02 -10.70
O MSE B 72 -9.58 0.82 -11.01
CB MSE B 72 -10.75 2.38 -8.57
CG MSE B 72 -9.51 2.92 -7.89
SE MSE B 72 -9.77 2.53 -6.00
CE MSE B 72 -9.23 4.25 -5.21
N GLY B 73 -8.44 2.76 -10.89
CA GLY B 73 -7.22 2.12 -11.34
C GLY B 73 -6.54 1.22 -10.32
N PRO B 74 -5.38 0.63 -10.69
CA PRO B 74 -4.56 -0.13 -9.74
C PRO B 74 -4.39 0.68 -8.46
N ALA B 75 -4.53 0.03 -7.31
CA ALA B 75 -4.50 0.72 -6.01
C ALA B 75 -3.46 0.16 -5.04
N LEU B 76 -3.21 0.90 -3.97
CA LEU B 76 -2.46 0.36 -2.85
C LEU B 76 -3.34 0.50 -1.62
N GLU B 77 -3.16 -0.40 -0.67
CA GLU B 77 -3.96 -0.37 0.53
C GLU B 77 -3.10 -0.04 1.73
N ALA B 78 -3.71 0.67 2.66
CA ALA B 78 -3.05 1.06 3.88
C ALA B 78 -4.06 1.36 4.94
N SER B 79 -3.78 0.91 6.16
CA SER B 79 -4.64 1.26 7.29
C SER B 79 -4.92 2.76 7.40
N GLY B 80 -6.18 3.07 7.62
CA GLY B 80 -6.70 4.42 7.73
C GLY B 80 -7.57 4.61 8.97
N GLY B 81 -8.65 5.37 8.79
CA GLY B 81 -9.49 5.81 9.90
C GLY B 81 -8.88 7.05 10.51
N SER B 82 -9.61 8.15 10.48
CA SER B 82 -9.06 9.42 10.98
CA SER B 82 -9.07 9.43 10.99
C SER B 82 -8.42 9.30 12.38
N ALA B 83 -9.19 8.83 13.36
CA ALA B 83 -8.69 8.70 14.73
C ALA B 83 -7.62 7.63 14.84
N GLY B 84 -7.71 6.59 14.01
CA GLY B 84 -6.72 5.54 13.95
C GLY B 84 -5.36 6.12 13.58
N ASN B 85 -5.35 6.95 12.54
CA ASN B 85 -4.16 7.70 12.09
C ASN B 85 -3.62 8.58 13.21
N THR B 86 -4.51 9.28 13.90
CA THR B 86 -4.11 10.14 15.03
C THR B 86 -3.46 9.34 16.15
N ALA B 87 -4.07 8.22 16.56
CA ALA B 87 -3.43 7.37 17.55
C ALA B 87 -2.03 6.85 17.13
N ALA B 88 -1.91 6.43 15.88
CA ALA B 88 -0.67 5.92 15.31
C ALA B 88 0.38 7.02 15.39
N GLY B 89 -0.04 8.24 15.10
CA GLY B 89 0.84 9.42 15.14
C GLY B 89 1.37 9.72 16.53
N VAL B 90 0.49 9.63 17.53
CA VAL B 90 0.91 9.84 18.92
C VAL B 90 1.95 8.80 19.37
N ALA B 91 1.73 7.54 19.03
CA ALA B 91 2.67 6.45 19.34
C ALA B 91 4.03 6.65 18.67
N ASN B 92 4.00 7.04 17.39
CA ASN B 92 5.19 7.34 16.58
C ASN B 92 6.05 8.42 17.24
N LEU B 93 5.41 9.48 17.71
CA LEU B 93 6.11 10.59 18.43
C LEU B 93 6.68 10.16 19.79
N GLY B 94 6.18 9.03 20.30
CA GLY B 94 6.68 8.48 21.56
C GLY B 94 5.72 8.58 22.73
N GLY B 95 4.47 8.97 22.46
CA GLY B 95 3.44 9.05 23.48
C GLY B 95 2.77 7.70 23.60
N LYS B 96 1.95 7.54 24.64
CA LYS B 96 1.25 6.27 24.87
CA LYS B 96 1.25 6.27 24.87
C LYS B 96 -0.19 6.42 24.38
N ALA B 97 -0.58 5.58 23.41
CA ALA B 97 -1.89 5.71 22.78
C ALA B 97 -2.72 4.44 22.82
N ALA B 98 -4.04 4.62 22.81
CA ALA B 98 -5.00 3.51 22.69
C ALA B 98 -6.05 3.91 21.65
N TYR B 99 -6.78 2.93 21.14
CA TYR B 99 -7.76 3.19 20.12
C TYR B 99 -8.95 2.28 20.30
N PHE B 100 -10.15 2.84 20.17
CA PHE B 100 -11.42 2.08 20.04
C PHE B 100 -11.96 2.20 18.62
N GLY B 101 -12.26 1.07 17.98
CA GLY B 101 -12.89 1.07 16.65
C GLY B 101 -13.18 -0.36 16.24
N ASN B 102 -14.27 -0.54 15.49
CA ASN B 102 -14.73 -1.90 15.17
C ASN B 102 -14.44 -2.32 13.75
N VAL B 103 -13.64 -3.38 13.62
CA VAL B 103 -13.46 -4.06 12.35
C VAL B 103 -14.25 -5.39 12.31
N ALA B 104 -14.29 -6.00 11.14
CA ALA B 104 -14.83 -7.36 11.00
C ALA B 104 -13.72 -8.42 11.13
N ALA B 105 -14.12 -9.68 11.35
CA ALA B 105 -13.20 -10.80 11.37
C ALA B 105 -12.91 -11.26 9.93
N ASP B 106 -12.15 -10.46 9.21
CA ASP B 106 -11.83 -10.75 7.84
C ASP B 106 -10.42 -10.23 7.59
N GLN B 107 -9.94 -10.39 6.36
CA GLN B 107 -8.54 -10.06 6.04
C GLN B 107 -8.24 -8.59 6.22
N LEU B 108 -9.15 -7.73 5.77
CA LEU B 108 -9.03 -6.27 5.98
C LEU B 108 -8.98 -5.90 7.47
N GLY B 109 -9.82 -6.54 8.29
CA GLY B 109 -9.74 -6.25 9.70
C GLY B 109 -8.47 -6.76 10.35
N ASP B 110 -7.90 -7.83 9.82
CA ASP B 110 -6.63 -8.36 10.30
C ASP B 110 -5.49 -7.40 9.96
N ILE B 111 -5.56 -6.82 8.76
CA ILE B 111 -4.56 -5.78 8.34
C ILE B 111 -4.67 -4.60 9.29
N PHE B 112 -5.89 -4.09 9.47
CA PHE B 112 -6.11 -2.97 10.37
C PHE B 112 -5.60 -3.26 11.78
N THR B 113 -5.98 -4.40 12.33
CA THR B 113 -5.52 -4.79 13.66
C THR B 113 -3.98 -4.82 13.77
N HIS B 114 -3.35 -5.40 12.77
CA HIS B 114 -1.92 -5.56 12.76
C HIS B 114 -1.25 -4.18 12.76
N ASP B 115 -1.69 -3.33 11.84
CA ASP B 115 -0.96 -2.05 11.60
C ASP B 115 -0.99 -1.15 12.81
N ILE B 116 -2.15 -1.06 13.45
CA ILE B 116 -2.32 -0.18 14.60
CA ILE B 116 -2.31 -0.16 14.60
C ILE B 116 -1.56 -0.70 15.83
N ARG B 117 -1.64 -2.01 16.07
CA ARG B 117 -0.90 -2.62 17.17
C ARG B 117 0.62 -2.57 16.92
N ALA B 118 1.03 -2.80 15.67
CA ALA B 118 2.44 -2.77 15.30
C ALA B 118 3.09 -1.43 15.58
N GLN B 119 2.32 -0.35 15.48
CA GLN B 119 2.76 1.01 15.83
C GLN B 119 2.88 1.22 17.37
N GLY B 120 2.36 0.29 18.16
CA GLY B 120 2.47 0.36 19.61
C GLY B 120 1.26 0.97 20.29
N VAL B 121 0.14 1.01 19.56
CA VAL B 121 -1.15 1.51 20.06
C VAL B 121 -1.87 0.33 20.69
N HIS B 122 -2.44 0.53 21.89
CA HIS B 122 -3.31 -0.46 22.54
C HIS B 122 -4.60 -0.54 21.72
N TYR B 123 -4.90 -1.72 21.19
CA TYR B 123 -6.11 -1.90 20.39
C TYR B 123 -6.73 -3.25 20.68
N GLN B 124 -7.84 -3.21 21.39
CA GLN B 124 -8.45 -4.45 21.87
CA GLN B 124 -8.47 -4.43 21.92
C GLN B 124 -9.93 -4.63 21.52
N THR B 125 -10.46 -3.73 20.70
CA THR B 125 -11.87 -3.85 20.25
C THR B 125 -12.09 -5.17 19.51
N LYS B 126 -13.04 -5.97 19.98
CA LYS B 126 -13.26 -7.30 19.40
C LYS B 126 -14.23 -7.26 18.21
N PRO B 127 -13.87 -7.94 17.10
CA PRO B 127 -14.79 -8.02 15.98
C PRO B 127 -16.00 -8.82 16.45
N LYS B 128 -17.16 -8.56 15.87
CA LYS B 128 -18.41 -9.22 16.28
CA LYS B 128 -18.42 -9.20 16.27
C LYS B 128 -18.81 -10.30 15.28
N GLY B 129 -18.11 -10.35 14.16
CA GLY B 129 -18.39 -11.31 13.08
C GLY B 129 -17.69 -10.90 11.80
N ALA B 130 -18.01 -11.57 10.69
CA ALA B 130 -17.41 -11.27 9.38
C ALA B 130 -18.26 -10.33 8.53
N PHE B 131 -19.55 -10.23 8.86
CA PHE B 131 -20.47 -9.34 8.14
CA PHE B 131 -20.47 -9.38 8.14
C PHE B 131 -21.26 -8.45 9.08
N PRO B 132 -21.36 -7.14 8.73
CA PRO B 132 -20.76 -6.42 7.58
C PRO B 132 -19.24 -6.46 7.63
N PRO B 133 -18.58 -6.41 6.45
CA PRO B 133 -17.15 -6.57 6.44
C PRO B 133 -16.50 -5.27 6.88
N THR B 134 -15.19 -5.34 7.11
CA THR B 134 -14.38 -4.20 7.55
C THR B 134 -14.56 -3.00 6.61
N ALA B 135 -14.74 -1.81 7.19
CA ALA B 135 -14.92 -0.58 6.42
C ALA B 135 -13.72 -0.36 5.53
N ARG B 136 -14.00 0.19 4.35
CA ARG B 136 -12.94 0.62 3.44
C ARG B 136 -13.29 1.98 2.81
N SER B 137 -12.27 2.76 2.50
CA SER B 137 -12.46 4.03 1.83
C SER B 137 -11.62 4.07 0.57
N MSE B 138 -12.27 4.30 -0.57
CA MSE B 138 -11.56 4.47 -1.82
C MSE B 138 -11.22 5.92 -1.90
O MSE B 138 -12.10 6.80 -1.92
CB MSE B 138 -12.38 3.99 -3.00
CG MSE B 138 -12.26 2.48 -3.08
SE MSE B 138 -13.63 1.97 -4.37
CE MSE B 138 -15.21 2.02 -3.19
N ILE B 139 -9.91 6.19 -1.93
CA ILE B 139 -9.42 7.54 -1.82
C ILE B 139 -8.72 7.88 -3.14
N PHE B 140 -9.23 8.91 -3.80
CA PHE B 140 -8.73 9.30 -5.11
C PHE B 140 -7.90 10.57 -4.93
N VAL B 141 -6.62 10.47 -5.29
CA VAL B 141 -5.70 11.61 -5.16
C VAL B 141 -5.46 12.27 -6.53
N THR B 142 -5.82 13.55 -6.62
CA THR B 142 -5.72 14.30 -7.85
C THR B 142 -4.32 14.89 -7.93
N GLU B 143 -3.98 15.47 -9.08
CA GLU B 143 -2.63 15.94 -9.39
C GLU B 143 -2.13 17.02 -8.42
N ASP B 144 -3.06 17.79 -7.88
CA ASP B 144 -2.79 18.81 -6.86
C ASP B 144 -2.54 18.22 -5.46
N GLY B 145 -2.74 16.91 -5.31
CA GLY B 145 -2.48 16.22 -4.04
C GLY B 145 -3.69 16.14 -3.12
N GLU B 146 -4.79 16.74 -3.56
CA GLU B 146 -6.02 16.70 -2.77
C GLU B 146 -6.51 15.28 -2.80
N ARG B 147 -7.17 14.90 -1.73
CA ARG B 147 -7.78 13.56 -1.62
CA ARG B 147 -7.78 13.57 -1.61
C ARG B 147 -9.35 13.61 -1.45
N SER B 148 -9.98 12.68 -2.16
CA SER B 148 -11.43 12.63 -2.15
C SER B 148 -11.77 11.21 -1.79
N MSE B 149 -12.46 11.06 -0.66
CA MSE B 149 -12.68 9.75 -0.04
C MSE B 149 -14.09 9.27 -0.23
O MSE B 149 -15.04 10.05 -0.23
CB MSE B 149 -12.37 9.81 1.46
CG MSE B 149 -11.05 10.56 1.63
SE MSE B 149 -10.46 10.33 3.48
CE MSE B 149 -11.75 11.51 4.39
N ASN B 150 -14.22 7.95 -0.39
CA ASN B 150 -15.50 7.32 -0.68
C ASN B 150 -15.60 6.08 0.19
N THR B 151 -16.41 6.20 1.25
CA THR B 151 -16.26 5.32 2.39
C THR B 151 -17.49 4.48 2.58
N TYR B 152 -17.31 3.16 2.55
CA TYR B 152 -18.36 2.21 2.96
C TYR B 152 -18.03 1.82 4.39
N LEU B 153 -18.93 2.19 5.30
CA LEU B 153 -18.72 2.01 6.74
C LEU B 153 -18.69 0.55 7.24
N GLY B 154 -19.42 -0.36 6.58
CA GLY B 154 -19.31 -1.77 6.95
C GLY B 154 -19.46 -2.00 8.44
N ALA B 155 -18.52 -2.75 9.02
CA ALA B 155 -18.52 -3.11 10.44
C ALA B 155 -18.50 -1.92 11.40
N CYS B 156 -18.07 -0.75 10.91
CA CYS B 156 -18.14 0.47 11.74
C CYS B 156 -19.53 0.74 12.34
N VAL B 157 -20.59 0.30 11.66
CA VAL B 157 -21.96 0.57 12.14
C VAL B 157 -22.25 -0.17 13.46
N GLU B 158 -21.42 -1.15 13.79
CA GLU B 158 -21.58 -1.95 15.00
C GLU B 158 -20.95 -1.37 16.27
N LEU B 159 -20.12 -0.33 16.15
CA LEU B 159 -19.50 0.21 17.34
C LEU B 159 -20.50 0.84 18.27
N GLY B 160 -20.39 0.49 19.54
CA GLY B 160 -21.33 0.96 20.55
C GLY B 160 -20.75 0.94 21.95
N PRO B 161 -21.61 1.24 22.96
CA PRO B 161 -21.24 1.24 24.37
C PRO B 161 -20.43 0.01 24.81
N GLU B 162 -20.74 -1.13 24.23
CA GLU B 162 -20.12 -2.38 24.61
C GLU B 162 -18.62 -2.43 24.31
N ASP B 163 -18.19 -1.48 23.50
CA ASP B 163 -16.80 -1.35 23.06
C ASP B 163 -16.00 -0.33 23.86
N VAL B 164 -16.62 0.29 24.86
CA VAL B 164 -15.91 1.19 25.76
C VAL B 164 -15.16 0.39 26.83
N GLU B 165 -13.83 0.48 26.80
CA GLU B 165 -12.99 -0.13 27.81
C GLU B 165 -12.85 0.93 28.88
N ALA B 166 -13.68 0.85 29.92
CA ALA B 166 -13.79 1.95 30.89
C ALA B 166 -12.47 2.29 31.56
N ASP B 167 -11.70 1.25 31.90
CA ASP B 167 -10.35 1.40 32.46
C ASP B 167 -9.42 2.21 31.56
N VAL B 168 -9.58 2.07 30.25
CA VAL B 168 -8.73 2.81 29.30
C VAL B 168 -9.07 4.31 29.29
N VAL B 169 -10.35 4.61 29.13
CA VAL B 169 -10.89 5.97 29.30
C VAL B 169 -10.44 6.61 30.62
N ALA B 170 -10.73 5.94 31.74
CA ALA B 170 -10.32 6.40 33.08
C ALA B 170 -8.81 6.67 33.21
N ASP B 171 -7.99 5.90 32.48
CA ASP B 171 -6.54 5.98 32.56
C ASP B 171 -5.89 6.75 31.41
N ALA B 172 -6.69 7.47 30.62
CA ALA B 172 -6.10 8.26 29.52
C ALA B 172 -6.16 9.78 29.75
N LYS B 173 -5.04 10.47 29.57
CA LYS B 173 -5.06 11.92 29.74
C LYS B 173 -6.13 12.63 28.87
N VAL B 174 -6.15 12.32 27.58
CA VAL B 174 -7.15 12.87 26.64
C VAL B 174 -7.87 11.73 25.91
N THR B 175 -9.20 11.81 25.87
CA THR B 175 -9.96 10.97 24.94
C THR B 175 -10.45 11.84 23.76
N TYR B 176 -10.01 11.46 22.57
CA TYR B 176 -10.26 12.20 21.34
C TYR B 176 -11.13 11.35 20.39
N PHE B 177 -12.12 12.00 19.78
CA PHE B 177 -12.98 11.28 18.83
C PHE B 177 -13.37 12.04 17.57
N GLU B 178 -13.84 11.30 16.56
CA GLU B 178 -14.25 11.89 15.27
C GLU B 178 -15.69 12.34 15.22
N GLY B 179 -15.90 13.53 14.68
CA GLY B 179 -17.21 13.97 14.20
C GLY B 179 -17.87 12.90 13.31
N TYR B 180 -17.03 12.19 12.54
CA TYR B 180 -17.43 11.12 11.65
C TYR B 180 -18.24 10.05 12.37
N LEU B 181 -18.04 9.92 13.68
CA LEU B 181 -18.79 8.90 14.48
C LEU B 181 -20.28 9.15 14.57
N TRP B 182 -20.72 10.35 14.17
CA TRP B 182 -22.16 10.66 14.18
C TRP B 182 -22.96 9.99 13.04
N ASP B 183 -22.25 9.51 12.02
CA ASP B 183 -22.86 8.78 10.91
C ASP B 183 -23.36 7.38 11.29
N PRO B 184 -22.48 6.51 11.85
CA PRO B 184 -23.03 5.21 12.28
C PRO B 184 -24.04 5.38 13.42
N PRO B 185 -24.90 4.38 13.65
CA PRO B 185 -26.04 4.66 14.53
C PRO B 185 -25.74 4.76 16.02
N ARG B 186 -24.85 3.93 16.53
CA ARG B 186 -24.69 3.79 17.97
C ARG B 186 -23.39 4.31 18.55
N ALA B 187 -22.49 4.78 17.69
CA ALA B 187 -21.18 5.20 18.16
C ALA B 187 -21.26 6.39 19.13
N LYS B 188 -22.19 7.31 18.89
CA LYS B 188 -22.40 8.45 19.78
C LYS B 188 -22.68 8.06 21.23
N GLU B 189 -23.40 6.95 21.44
CA GLU B 189 -23.65 6.43 22.79
C GLU B 189 -22.37 6.03 23.51
N ALA B 190 -21.46 5.38 22.79
CA ALA B 190 -20.12 5.09 23.31
C ALA B 190 -19.40 6.39 23.69
N ILE B 191 -19.50 7.38 22.82
CA ILE B 191 -18.82 8.67 23.06
C ILE B 191 -19.33 9.38 24.31
N LEU B 192 -20.64 9.48 24.44
CA LEU B 192 -21.24 10.02 25.68
C LEU B 192 -20.77 9.28 26.95
N ASP B 193 -20.66 7.95 26.89
CA ASP B 193 -20.11 7.16 28.00
C ASP B 193 -18.63 7.52 28.25
N CYS B 194 -17.85 7.64 27.17
CA CYS B 194 -16.47 8.08 27.27
C CYS B 194 -16.36 9.42 27.99
N ALA B 195 -17.19 10.38 27.58
CA ALA B 195 -17.15 11.74 28.14
C ALA B 195 -17.38 11.74 29.63
N ARG B 196 -18.35 10.91 30.05
CA ARG B 196 -18.71 10.79 31.46
C ARG B 196 -17.57 10.20 32.26
N ILE B 197 -17.03 9.07 31.82
CA ILE B 197 -15.95 8.38 32.53
C ILE B 197 -14.71 9.28 32.56
N ALA B 198 -14.37 9.86 31.41
CA ALA B 198 -13.23 10.78 31.31
C ALA B 198 -13.33 11.93 32.32
N HIS B 199 -14.44 12.66 32.29
CA HIS B 199 -14.61 13.82 33.17
C HIS B 199 -14.76 13.46 34.66
N GLN B 200 -15.28 12.26 34.94
CA GLN B 200 -15.30 11.75 36.32
C GLN B 200 -13.90 11.49 36.87
N HIS B 201 -12.95 11.23 35.98
CA HIS B 201 -11.58 10.91 36.36
C HIS B 201 -10.63 12.10 36.12
N GLY B 202 -11.22 13.28 35.92
CA GLY B 202 -10.44 14.51 35.74
C GLY B 202 -9.63 14.60 34.46
N ARG B 203 -10.05 13.86 33.44
CA ARG B 203 -9.38 13.86 32.14
C ARG B 203 -10.10 14.81 31.22
N GLU B 204 -9.56 14.97 30.02
CA GLU B 204 -10.15 15.86 29.05
C GLU B 204 -10.63 15.13 27.81
N MSE B 205 -11.69 15.66 27.21
CA MSE B 205 -12.27 15.14 25.99
C MSE B 205 -11.97 16.07 24.84
O MSE B 205 -12.01 17.29 24.98
CB MSE B 205 -13.79 15.12 26.09
CG MSE B 205 -14.35 14.15 27.13
SE MSE B 205 -13.95 12.33 26.49
CE MSE B 205 -14.91 12.38 24.77
N SER B 206 -11.74 15.47 23.67
CA SER B 206 -11.41 16.22 22.48
C SER B 206 -12.14 15.66 21.28
N MSE B 207 -12.46 16.53 20.32
CA MSE B 207 -13.03 16.05 19.06
C MSE B 207 -12.47 16.81 17.89
O MSE B 207 -11.99 17.92 18.03
CB MSE B 207 -14.54 16.16 19.03
CG MSE B 207 -15.03 17.53 18.57
SE MSE B 207 -16.98 17.50 18.57
CE MSE B 207 -17.25 16.35 16.99
N THR B 208 -12.55 16.17 16.72
CA THR B 208 -12.35 16.86 15.46
C THR B 208 -13.70 16.95 14.73
N LEU B 209 -13.91 18.06 14.06
CA LEU B 209 -15.12 18.29 13.28
C LEU B 209 -15.15 17.43 11.99
N SER B 210 -13.99 16.84 11.69
CA SER B 210 -13.80 15.84 10.61
C SER B 210 -13.91 16.29 9.13
N ASP B 211 -15.00 16.94 8.75
CA ASP B 211 -15.36 17.17 7.36
C ASP B 211 -16.50 18.18 7.33
N SER B 212 -16.43 19.14 6.40
CA SER B 212 -17.44 20.23 6.33
C SER B 212 -18.89 19.75 6.09
N PHE B 213 -19.06 18.66 5.34
CA PHE B 213 -20.39 18.05 5.13
C PHE B 213 -20.85 17.27 6.36
N CYS B 214 -19.89 16.64 7.05
CA CYS B 214 -20.17 16.00 8.35
C CYS B 214 -20.70 17.03 9.35
N VAL B 215 -20.04 18.18 9.39
CA VAL B 215 -20.49 19.29 10.22
C VAL B 215 -21.90 19.74 9.84
N ASP B 216 -22.19 19.78 8.55
CA ASP B 216 -23.52 20.21 8.08
C ASP B 216 -24.60 19.20 8.50
N ARG B 217 -24.25 17.92 8.52
CA ARG B 217 -25.17 16.89 8.95
C ARG B 217 -25.45 17.01 10.45
N TYR B 218 -24.45 17.40 11.25
CA TYR B 218 -24.57 17.33 12.71
C TYR B 218 -24.24 18.64 13.43
N ARG B 219 -24.47 19.75 12.74
CA ARG B 219 -24.13 21.08 13.24
C ARG B 219 -24.59 21.33 14.67
N GLY B 220 -25.89 21.14 14.93
CA GLY B 220 -26.45 21.41 16.25
C GLY B 220 -25.93 20.44 17.31
N GLU B 221 -25.71 19.19 16.92
CA GLU B 221 -25.19 18.19 17.84
C GLU B 221 -23.77 18.53 18.29
N PHE B 222 -22.96 18.97 17.33
CA PHE B 222 -21.56 19.32 17.60
C PHE B 222 -21.45 20.54 18.50
N LEU B 223 -22.23 21.58 18.19
CA LEU B 223 -22.31 22.77 19.05
C LEU B 223 -22.73 22.40 20.46
N ASP B 224 -23.71 21.51 20.60
CA ASP B 224 -24.12 21.09 21.93
C ASP B 224 -23.04 20.32 22.70
N LEU B 225 -22.25 19.51 22.00
CA LEU B 225 -21.13 18.80 22.63
C LEU B 225 -20.14 19.79 23.25
N MSE B 226 -19.85 20.86 22.51
CA MSE B 226 -18.91 21.88 22.98
C MSE B 226 -19.50 22.71 24.10
O MSE B 226 -18.88 22.88 25.15
CB MSE B 226 -18.49 22.77 21.80
CG MSE B 226 -17.56 22.05 20.83
SE MSE B 226 -17.75 22.88 19.05
CE MSE B 226 -16.63 24.47 19.29
N ARG B 227 -20.70 23.25 23.89
CA ARG B 227 -21.35 24.14 24.87
C ARG B 227 -21.71 23.45 26.19
N SER B 228 -22.04 22.17 26.12
CA SER B 228 -22.35 21.38 27.32
C SER B 228 -21.08 21.01 28.09
N GLY B 229 -19.93 21.19 27.45
CA GLY B 229 -18.64 20.86 28.08
C GLY B 229 -18.26 19.40 27.99
N LYS B 230 -19.02 18.61 27.24
CA LYS B 230 -18.66 17.23 26.95
C LYS B 230 -17.37 17.13 26.14
N VAL B 231 -17.08 18.16 25.35
CA VAL B 231 -15.83 18.28 24.59
C VAL B 231 -15.10 19.50 25.12
N ASP B 232 -13.81 19.34 25.42
CA ASP B 232 -12.96 20.43 25.94
C ASP B 232 -12.08 21.05 24.87
N ILE B 233 -11.54 20.21 23.98
CA ILE B 233 -10.62 20.66 22.94
C ILE B 233 -11.17 20.29 21.56
N VAL B 234 -11.39 21.29 20.72
CA VAL B 234 -11.90 21.07 19.36
C VAL B 234 -10.86 21.32 18.25
N PHE B 235 -10.79 20.37 17.32
CA PHE B 235 -9.99 20.49 16.09
C PHE B 235 -10.89 20.76 14.89
N ALA B 236 -10.48 21.75 14.11
CA ALA B 236 -11.20 22.16 12.91
C ALA B 236 -10.20 22.64 11.88
N ASN B 237 -10.56 22.46 10.62
CA ASN B 237 -9.92 23.21 9.56
C ASN B 237 -10.80 24.42 9.19
N ARG B 238 -10.29 25.31 8.35
CA ARG B 238 -11.04 26.50 7.94
C ARG B 238 -12.43 26.19 7.39
N GLN B 239 -12.51 25.22 6.48
CA GLN B 239 -13.79 24.82 5.87
C GLN B 239 -14.82 24.32 6.91
N GLU B 240 -14.33 23.50 7.84
CA GLU B 240 -15.18 22.99 8.94
C GLU B 240 -15.68 24.11 9.85
N ALA B 241 -14.81 25.07 10.15
CA ALA B 241 -15.17 26.21 11.01
C ALA B 241 -16.19 27.12 10.33
N LEU B 242 -16.03 27.34 9.02
CA LEU B 242 -16.99 28.11 8.26
C LEU B 242 -18.34 27.38 8.18
N SER B 243 -18.32 26.05 8.00
CA SER B 243 -19.54 25.25 7.90
C SER B 243 -20.28 25.26 9.23
N LEU B 244 -19.54 25.13 10.33
CA LEU B 244 -20.11 25.10 11.68
C LEU B 244 -21.02 26.30 11.98
N TYR B 245 -20.59 27.49 11.55
CA TYR B 245 -21.36 28.72 11.80
C TYR B 245 -22.05 29.26 10.54
N GLN B 246 -21.96 28.50 9.44
CA GLN B 246 -22.61 28.82 8.16
C GLN B 246 -22.28 30.23 7.72
N THR B 247 -20.99 30.54 7.76
CA THR B 247 -20.53 31.88 7.50
C THR B 247 -19.42 31.86 6.46
N ASP B 248 -19.23 33.00 5.79
CA ASP B 248 -18.12 33.21 4.88
C ASP B 248 -17.02 34.01 5.57
N ASP B 249 -17.28 34.38 6.82
CA ASP B 249 -16.39 35.24 7.60
C ASP B 249 -15.53 34.41 8.55
N PHE B 250 -14.28 34.19 8.19
CA PHE B 250 -13.38 33.36 8.99
C PHE B 250 -13.09 33.97 10.36
N GLU B 251 -12.97 35.29 10.43
CA GLU B 251 -12.79 35.97 11.73
C GLU B 251 -13.97 35.74 12.69
N GLU B 252 -15.19 35.74 12.15
CA GLU B 252 -16.38 35.43 12.93
C GLU B 252 -16.29 34.01 13.45
N ALA B 253 -15.95 33.07 12.56
CA ALA B 253 -15.83 31.65 12.93
C ALA B 253 -14.81 31.45 14.07
N LEU B 254 -13.67 32.13 14.01
CA LEU B 254 -12.68 32.01 15.06
C LEU B 254 -13.20 32.55 16.39
N ASN B 255 -13.82 33.72 16.34
CA ASN B 255 -14.43 34.31 17.53
C ASN B 255 -15.50 33.41 18.14
N ARG B 256 -16.36 32.86 17.29
CA ARG B 256 -17.45 32.00 17.77
C ARG B 256 -16.93 30.68 18.36
N ILE B 257 -16.00 30.02 17.66
CA ILE B 257 -15.45 28.74 18.14
C ILE B 257 -14.69 28.90 19.46
N ALA B 258 -14.01 30.03 19.64
CA ALA B 258 -13.34 30.31 20.92
C ALA B 258 -14.35 30.48 22.06
N ALA B 259 -15.55 30.96 21.74
CA ALA B 259 -16.61 31.15 22.73
C ALA B 259 -17.27 29.83 23.10
N ASP B 260 -17.21 28.87 22.19
CA ASP B 260 -17.97 27.61 22.33
C ASP B 260 -17.18 26.47 22.96
N CYS B 261 -15.87 26.58 23.01
CA CYS B 261 -15.07 25.52 23.60
CA CYS B 261 -15.00 25.51 23.48
C CYS B 261 -13.84 26.06 24.29
N LYS B 262 -13.34 25.29 25.26
CA LYS B 262 -12.21 25.73 26.10
C LYS B 262 -10.97 26.01 25.26
N ILE B 263 -10.64 25.09 24.36
CA ILE B 263 -9.50 25.24 23.47
C ILE B 263 -9.90 24.79 22.07
N ALA B 264 -9.61 25.62 21.07
CA ALA B 264 -9.81 25.26 19.66
C ALA B 264 -8.49 25.34 18.92
N ALA B 265 -8.25 24.36 18.07
CA ALA B 265 -7.07 24.30 17.24
C ALA B 265 -7.55 24.32 15.79
N VAL B 266 -7.31 25.43 15.09
CA VAL B 266 -7.87 25.62 13.75
C VAL B 266 -6.76 25.64 12.71
N THR B 267 -6.84 24.69 11.78
CA THR B 267 -5.83 24.58 10.72
C THR B 267 -6.23 25.31 9.44
N MSE B 268 -5.23 25.83 8.73
CA MSE B 268 -5.49 26.60 7.53
C MSE B 268 -4.58 26.16 6.40
O MSE B 268 -4.12 26.99 5.60
CB MSE B 268 -5.33 28.10 7.83
CG MSE B 268 -6.12 28.52 9.06
SE MSE B 268 -5.54 30.33 9.57
CE MSE B 268 -3.77 29.96 10.31
N SER B 269 -4.36 24.86 6.31
CA SER B 269 -3.56 24.24 5.24
C SER B 269 -2.18 24.91 5.12
N GLU B 270 -1.89 25.54 3.98
CA GLU B 270 -0.59 26.16 3.77
C GLU B 270 -0.37 27.44 4.57
N ASN B 271 -1.45 27.95 5.17
CA ASN B 271 -1.37 29.17 6.00
C ASN B 271 -1.12 28.87 7.48
N GLY B 272 -0.90 27.59 7.79
CA GLY B 272 -0.51 27.20 9.12
C GLY B 272 -1.72 26.92 9.98
N ALA B 273 -1.66 27.34 11.24
CA ALA B 273 -2.71 27.06 12.20
C ALA B 273 -2.82 28.15 13.24
N VAL B 274 -3.96 28.23 13.91
CA VAL B 274 -4.13 29.16 15.02
C VAL B 274 -4.74 28.42 16.21
N ILE B 275 -4.15 28.59 17.39
CA ILE B 275 -4.70 27.94 18.58
C ILE B 275 -5.38 29.02 19.43
N LEU B 276 -6.61 28.72 19.85
CA LEU B 276 -7.45 29.66 20.56
C LEU B 276 -7.75 29.16 21.96
N LYS B 277 -7.61 30.05 22.94
CA LYS B 277 -8.02 29.75 24.32
C LYS B 277 -8.53 31.02 25.01
N GLY B 278 -9.83 31.09 25.22
CA GLY B 278 -10.48 32.31 25.70
C GLY B 278 -10.18 33.44 24.73
N ARG B 279 -9.43 34.43 25.22
CA ARG B 279 -9.02 35.57 24.41
C ARG B 279 -7.61 35.40 23.82
N GLU B 280 -6.90 34.36 24.25
CA GLU B 280 -5.55 34.08 23.74
C GLU B 280 -5.63 33.52 22.32
N ARG B 281 -4.75 33.99 21.43
CA ARG B 281 -4.60 33.35 20.11
C ARG B 281 -3.12 33.08 19.82
N TYR B 282 -2.81 31.87 19.35
CA TYR B 282 -1.44 31.53 18.98
C TYR B 282 -1.35 31.07 17.53
N TYR B 283 -0.68 31.88 16.71
CA TYR B 283 -0.52 31.55 15.31
C TYR B 283 0.75 30.75 15.10
N VAL B 284 0.65 29.68 14.30
CA VAL B 284 1.78 28.82 13.96
CA VAL B 284 1.81 28.88 13.94
C VAL B 284 1.92 28.68 12.44
N ASN B 285 3.14 28.76 11.93
CA ASN B 285 3.43 28.59 10.50
C ASN B 285 3.43 27.14 10.04
N ALA B 286 3.06 26.93 8.78
CA ALA B 286 3.25 25.65 8.09
C ALA B 286 4.74 25.42 7.87
N ILE B 287 5.17 24.17 7.94
CA ILE B 287 6.56 23.82 7.65
C ILE B 287 6.80 23.89 6.13
N ARG B 288 8.06 24.09 5.73
CA ARG B 288 8.43 24.06 4.31
C ARG B 288 8.36 22.64 3.77
N ILE B 289 7.81 22.49 2.58
CA ILE B 289 7.60 21.16 1.99
C ILE B 289 8.21 21.05 0.59
N ARG B 290 8.66 19.85 0.24
CA ARG B 290 9.15 19.59 -1.12
C ARG B 290 8.00 19.72 -2.11
N GLU B 291 6.95 18.94 -1.86
CA GLU B 291 5.85 18.77 -2.79
C GLU B 291 4.68 18.15 -2.05
N VAL B 292 3.46 18.57 -2.39
CA VAL B 292 2.27 17.97 -1.81
C VAL B 292 1.96 16.70 -2.60
N VAL B 293 2.30 15.57 -2.02
CA VAL B 293 2.12 14.26 -2.65
C VAL B 293 0.68 13.77 -2.45
N ASP B 294 0.19 13.89 -1.23
CA ASP B 294 -1.11 13.34 -0.86
C ASP B 294 -1.51 13.91 0.49
N THR B 295 -2.52 14.78 0.49
CA THR B 295 -2.99 15.43 1.73
C THR B 295 -3.69 14.48 2.73
N THR B 296 -3.92 13.23 2.34
CA THR B 296 -4.59 12.28 3.24
C THR B 296 -3.87 12.20 4.58
N GLY B 297 -4.58 12.50 5.65
CA GLY B 297 -4.03 12.38 6.98
C GLY B 297 -3.48 13.65 7.61
N ALA B 298 -3.44 14.74 6.84
CA ALA B 298 -2.87 16.01 7.38
C ALA B 298 -3.54 16.43 8.70
N GLY B 299 -4.87 16.50 8.71
CA GLY B 299 -5.59 16.92 9.90
C GLY B 299 -5.41 15.94 11.04
N ASP B 300 -5.49 14.65 10.72
CA ASP B 300 -5.22 13.59 11.69
C ASP B 300 -3.90 13.72 12.40
N LEU B 301 -2.85 14.03 11.64
CA LEU B 301 -1.49 14.07 12.18
C LEU B 301 -1.17 15.42 12.86
N PHE B 302 -1.82 16.49 12.41
CA PHE B 302 -1.89 17.71 13.22
C PHE B 302 -2.39 17.42 14.63
N ALA B 303 -3.48 16.66 14.71
CA ALA B 303 -4.03 16.26 15.99
C ALA B 303 -3.04 15.42 16.77
N SER B 304 -2.33 14.52 16.09
CA SER B 304 -1.32 13.69 16.73
C SER B 304 -0.26 14.58 17.38
N GLY B 305 0.31 15.49 16.60
CA GLY B 305 1.33 16.37 17.12
C GLY B 305 0.84 17.26 18.24
N PHE B 306 -0.33 17.87 18.05
CA PHE B 306 -0.90 18.75 19.08
C PHE B 306 -1.11 18.02 20.40
N LEU B 307 -1.77 16.87 20.31
CA LEU B 307 -2.11 16.12 21.52
C LEU B 307 -0.94 15.48 22.24
N TYR B 308 0.08 15.05 21.50
CA TYR B 308 1.33 14.59 22.07
C TYR B 308 1.96 15.72 22.91
N GLY B 309 2.04 16.90 22.30
CA GLY B 309 2.55 18.06 23.01
C GLY B 309 1.72 18.39 24.24
N TYR B 310 0.39 18.35 24.08
CA TYR B 310 -0.53 18.74 25.15
C TYR B 310 -0.38 17.86 26.38
N THR B 311 -0.32 16.55 26.15
CA THR B 311 -0.14 15.58 27.21
C THR B 311 1.27 15.50 27.80
N GLN B 312 2.22 16.19 27.16
CA GLN B 312 3.56 16.32 27.70
C GLN B 312 3.67 17.64 28.50
N GLY B 313 2.55 18.35 28.62
CA GLY B 313 2.53 19.64 29.30
C GLY B 313 3.22 20.79 28.58
N ARG B 314 3.34 20.69 27.25
CA ARG B 314 3.99 21.74 26.44
C ARG B 314 3.04 22.93 26.23
N SER B 315 3.60 24.10 25.94
CA SER B 315 2.80 25.29 25.63
C SER B 315 1.87 25.09 24.42
N LEU B 316 0.76 25.80 24.38
CA LEU B 316 -0.16 25.73 23.24
C LEU B 316 0.54 26.08 21.91
N GLU B 317 1.47 27.04 21.92
CA GLU B 317 2.22 27.33 20.70
C GLU B 317 3.08 26.13 20.26
N ASP B 318 3.76 25.50 21.22
CA ASP B 318 4.57 24.31 20.93
C ASP B 318 3.73 23.11 20.50
N CYS B 319 2.53 22.98 21.05
CA CYS B 319 1.60 21.95 20.60
C CYS B 319 1.26 22.16 19.13
N GLY B 320 0.92 23.40 18.75
CA GLY B 320 0.67 23.77 17.36
C GLY B 320 1.86 23.49 16.46
N LYS B 321 3.07 23.85 16.91
CA LYS B 321 4.30 23.53 16.16
C LYS B 321 4.45 22.03 15.90
N LEU B 322 4.22 21.22 16.93
CA LEU B 322 4.34 19.76 16.82
C LEU B 322 3.31 19.18 15.84
N GLY B 323 2.09 19.72 15.91
CA GLY B 323 1.03 19.40 14.93
C GLY B 323 1.39 19.74 13.49
N CYS B 324 1.92 20.95 13.27
CA CYS B 324 2.27 21.37 11.92
C CYS B 324 3.42 20.54 11.35
N LEU B 325 4.31 20.10 12.24
CA LEU B 325 5.45 19.28 11.85
C LEU B 325 4.94 17.93 11.38
N ALA B 326 4.08 17.32 12.19
CA ALA B 326 3.51 16.02 11.86
C ALA B 326 2.66 16.04 10.59
N ALA B 327 1.76 17.01 10.47
CA ALA B 327 0.98 17.26 9.24
C ALA B 327 1.84 17.44 7.99
N GLY B 328 2.84 18.30 8.08
CA GLY B 328 3.75 18.53 6.97
C GLY B 328 4.47 17.30 6.46
N ILE B 329 4.86 16.42 7.39
CA ILE B 329 5.51 15.15 7.04
C ILE B 329 4.52 14.22 6.32
N VAL B 330 3.33 14.07 6.87
CA VAL B 330 2.42 13.09 6.28
C VAL B 330 1.99 13.44 4.85
N ILE B 331 1.91 14.74 4.53
CA ILE B 331 1.44 15.16 3.19
C ILE B 331 2.49 15.00 2.06
N GLN B 332 3.73 14.68 2.45
CA GLN B 332 4.80 14.43 1.50
C GLN B 332 5.01 12.94 1.17
N GLN B 333 4.07 12.10 1.61
CA GLN B 333 4.10 10.67 1.29
C GLN B 333 2.72 10.18 0.85
N ILE B 334 2.69 9.03 0.20
CA ILE B 334 1.43 8.35 -0.10
C ILE B 334 1.01 7.61 1.17
N GLY B 335 -0.26 7.73 1.52
CA GLY B 335 -0.79 7.03 2.70
C GLY B 335 -0.89 7.89 3.95
N PRO B 336 -1.83 7.55 4.85
CA PRO B 336 -2.23 8.42 5.95
C PRO B 336 -1.41 8.34 7.25
N ARG B 337 -0.46 7.42 7.32
CA ARG B 337 0.33 7.24 8.54
C ARG B 337 1.81 7.35 8.22
N PRO B 338 2.48 8.35 8.83
CA PRO B 338 3.89 8.54 8.48
C PRO B 338 4.73 7.26 8.58
N MSE B 339 5.45 6.94 7.51
CA MSE B 339 6.36 5.79 7.45
C MSE B 339 7.74 6.07 8.00
O MSE B 339 8.59 5.18 8.07
CB MSE B 339 6.49 5.42 5.97
CG MSE B 339 5.20 4.75 5.48
SE MSE B 339 5.32 4.36 3.55
CE MSE B 339 4.85 6.13 2.82
N THR B 340 7.98 7.32 8.39
CA THR B 340 9.26 7.70 9.02
C THR B 340 9.04 8.02 10.49
N SER B 341 10.13 8.19 11.23
CA SER B 341 10.04 8.49 12.66
C SER B 341 9.72 9.95 12.92
N LEU B 342 8.53 10.19 13.47
CA LEU B 342 8.13 11.53 13.87
C LEU B 342 8.91 12.05 15.05
N SER B 343 9.23 11.15 16.00
CA SER B 343 10.05 11.52 17.15
C SER B 343 11.43 12.05 16.70
N GLU B 344 12.07 11.33 15.78
CA GLU B 344 13.36 11.75 15.21
CA GLU B 344 13.36 11.77 15.25
C GLU B 344 13.24 13.12 14.53
N ALA B 345 12.13 13.31 13.82
CA ALA B 345 11.88 14.55 13.10
C ALA B 345 11.70 15.72 14.07
N ALA B 346 10.92 15.48 15.12
CA ALA B 346 10.70 16.46 16.20
C ALA B 346 12.01 16.88 16.88
N LYS B 347 12.87 15.91 17.18
CA LYS B 347 14.19 16.17 17.78
C LYS B 347 15.06 16.99 16.83
N GLN B 348 15.02 16.66 15.55
CA GLN B 348 15.77 17.39 14.53
C GLN B 348 15.26 18.82 14.34
N ALA B 349 13.95 19.02 14.53
CA ALA B 349 13.33 20.33 14.35
C ALA B 349 13.53 21.24 15.57
N GLY B 350 14.07 20.69 16.64
CA GLY B 350 14.30 21.44 17.87
C GLY B 350 13.04 21.59 18.70
N LEU B 351 12.06 20.73 18.44
CA LEU B 351 10.84 20.67 19.24
C LEU B 351 10.99 19.58 20.28
N ILE B 352 11.93 18.67 20.02
CA ILE B 352 12.39 17.62 20.93
C ILE B 352 11.32 16.56 21.21
O5' ADN C . 9.78 -9.60 -7.95
C5' ADN C . 9.06 -9.00 -6.87
C4' ADN C . 7.75 -9.76 -6.71
O4' ADN C . 8.10 -11.06 -6.32
C3' ADN C . 6.94 -9.29 -5.52
O3' ADN C . 5.89 -8.46 -5.95
C2' ADN C . 6.36 -10.56 -4.91
O2' ADN C . 4.97 -10.42 -4.95
C1' ADN C . 6.85 -11.62 -5.87
N9 ADN C . 7.04 -12.94 -5.23
C8 ADN C . 7.43 -13.24 -3.99
N7 ADN C . 7.45 -14.59 -3.81
C5 ADN C . 7.09 -15.15 -4.97
C6 ADN C . 6.85 -16.54 -5.46
N6 ADN C . 7.09 -17.63 -4.67
N1 ADN C . 6.40 -16.65 -6.72
C2 ADN C . 6.15 -15.61 -7.53
N3 ADN C . 6.36 -14.32 -7.16
C4 ADN C . 6.76 -14.07 -5.90
S DMS D . 0.26 -13.38 7.44
O DMS D . 0.00 -14.29 6.30
C1 DMS D . -0.01 -11.78 6.90
C2 DMS D . -1.02 -13.52 8.55
S DMS E . -2.88 -17.75 6.24
O DMS E . -3.49 -16.88 7.28
C1 DMS E . -1.17 -17.72 6.44
C2 DMS E . -3.25 -19.38 6.56
C5 NRH F . 25.98 -20.67 -6.16
C6 NRH F . 27.12 -21.36 -6.62
N1 NRH F . 27.32 -22.68 -6.42
C2 NRH F . 26.41 -23.44 -5.75
C4 NRH F . 25.03 -21.41 -5.47
C9 NRH F . 23.75 -21.07 -4.86
C10 NRH F . 23.04 -19.87 -4.75
C11 NRH F . 21.81 -19.90 -4.06
C3 NRH F . 25.24 -22.85 -5.26
N7 NRH F . 24.17 -23.30 -4.55
C8 NRH F . 23.23 -22.34 -4.27
C13 NRH F . 21.99 -22.31 -3.63
C12 NRH F . 21.30 -21.10 -3.53
S DMS G . 2.46 -0.49 -6.46
O DMS G . 2.97 -1.68 -7.18
C1 DMS G . 3.63 0.73 -6.27
C2 DMS G . 1.30 0.36 -7.40
K K H . 9.70 -0.96 -6.08
O5' ADN I . -8.11 11.80 7.24
C5' ADN I . -7.81 10.74 6.32
C4' ADN I . -8.46 9.43 6.79
O4' ADN I . -9.85 9.60 6.76
C3' ADN I . -8.25 8.29 5.81
O3' ADN I . -7.19 7.47 6.27
C2' ADN I . -9.57 7.53 5.78
O2' ADN I . -9.29 6.23 6.18
C1' ADN I . -10.33 8.25 6.86
N9 ADN I . -11.79 8.21 6.65
C8 ADN I . -12.46 8.21 5.50
N7 ADN I . -13.78 8.20 5.72
C5 ADN I . -13.95 8.18 7.06
C6 ADN I . -15.10 8.14 8.00
N6 ADN I . -16.37 8.13 7.54
N1 ADN I . -14.80 8.12 9.31
C2 ADN I . -13.53 8.14 9.81
N3 ADN I . -12.46 8.17 9.01
C4 ADN I . -12.62 8.20 7.67
S DMS J . -18.59 -4.81 0.47
O DMS J . -19.95 -5.40 0.46
C1 DMS J . -17.57 -5.74 -0.53
C2 DMS J . -18.59 -3.35 -0.41
S DMS K . -15.06 -2.14 -2.73
O DMS K . -15.63 -1.95 -1.39
C1 DMS K . -13.38 -2.30 -2.56
C2 DMS K . -15.42 -3.69 -3.33
C5 NRH L . -20.80 26.63 4.35
C6 NRH L . -21.49 27.81 4.67
N1 NRH L . -22.81 27.87 4.89
C2 NRH L . -23.60 26.76 4.80
C4 NRH L . -21.59 25.47 4.24
C9 NRH L . -21.27 24.07 3.94
C10 NRH L . -20.07 23.42 3.63
C11 NRH L . -20.10 22.05 3.39
C3 NRH L . -23.03 25.54 4.48
N7 NRH L . -23.51 24.27 4.32
C8 NRH L . -22.55 23.34 4.00
C13 NRH L . -22.53 21.97 3.74
C12 NRH L . -21.31 21.35 3.44
S DMS M . 1.41 4.67 5.31
O DMS M . 0.03 4.89 5.78
C1 DMS M . 2.04 3.23 6.00
C2 DMS M . 1.42 4.29 3.64
K K N . -0.45 11.22 2.90
#